data_1B8G
#
_entry.id   1B8G
#
_cell.length_a   53.630
_cell.length_b   69.060
_cell.length_c   123.240
_cell.angle_alpha   90.00
_cell.angle_beta   90.04
_cell.angle_gamma   90.00
#
_symmetry.space_group_name_H-M   'P 1 21 1'
#
loop_
_entity.id
_entity.type
_entity.pdbx_description
1 polymer 'PROTEIN (1-AMINOCYCLOPROPANE-1-CARBOXYLATE SYNTHASE)'
2 non-polymer "PYRIDOXAL-5'-PHOSPHATE"
3 water water
#
_entity_poly.entity_id   1
_entity_poly.type   'polypeptide(L)'
_entity_poly.pdbx_seq_one_letter_code
;MLSRNATFNSHGQDSSYFLGWQEYEKNPYHEVHNTNGIIQMGLAENQLCFDLLESWLAKNPEAAAFKKNGESIFAELALF
QDYHGLPAFKKAMVDFMAEIRGNKVTFDPNHLVLTAGATSANETFIFCLADPGEAVLIPTPYYPGFDRDLKWRTGVEIVP
IHCTSSNGFQITETALEEAYQEAEKRNLRVKGVLVTNPSNPLGTTMTRNELYLLLSFVEDKGIHLISDEIYSGTAFSSPS
FISVMEVLKDRNCDENSEVWQRVHVVYSLSKDLGLPGFRVGAIYSNDDMVVAAATKMSSFGLVSSQTQHLLSAMLSDKKL
TKNYIAENHKRLKQRQKKLVSGLQKSGISCLNGNAGLFCWVDMRHLLRSNTFEAEMELWKKIVYEVHLNISPGSSCHCTE
PGWFRVCFANLPERTLDLAMQRLKAFVGE
;
_entity_poly.pdbx_strand_id   A,B
#
# COMPACT_ATOMS: atom_id res chain seq x y z
N MET A 1 -14.03 -20.43 7.99
CA MET A 1 -13.01 -20.30 9.08
C MET A 1 -12.16 -19.01 8.99
N LEU A 2 -12.71 -17.98 8.33
CA LEU A 2 -12.01 -16.72 8.14
C LEU A 2 -12.53 -15.64 9.07
N SER A 3 -12.08 -14.40 8.87
CA SER A 3 -12.54 -13.29 9.72
C SER A 3 -13.85 -12.72 9.23
N ARG A 4 -14.44 -11.86 10.06
CA ARG A 4 -15.70 -11.20 9.71
C ARG A 4 -15.48 -10.36 8.46
N ASN A 5 -14.35 -9.64 8.42
CA ASN A 5 -13.98 -8.81 7.28
C ASN A 5 -13.84 -9.59 5.98
N ALA A 6 -13.41 -10.86 6.06
CA ALA A 6 -13.26 -11.67 4.85
C ALA A 6 -14.59 -12.28 4.39
N THR A 7 -15.67 -11.92 5.07
CA THR A 7 -17.01 -12.40 4.71
C THR A 7 -18.05 -11.34 5.02
N SER A 15 -24.19 -4.72 -2.66
CA SER A 15 -23.97 -3.31 -3.10
C SER A 15 -23.98 -3.38 -4.61
N SER A 16 -24.76 -4.33 -5.12
CA SER A 16 -24.85 -4.60 -6.54
C SER A 16 -25.54 -3.57 -7.43
N TYR A 17 -24.78 -2.51 -7.71
CA TYR A 17 -25.12 -1.41 -8.61
C TYR A 17 -24.09 -1.63 -9.71
N PHE A 18 -23.39 -2.77 -9.60
CA PHE A 18 -22.34 -3.18 -10.54
C PHE A 18 -22.98 -3.77 -11.77
N LEU A 19 -24.31 -3.82 -11.75
CA LEU A 19 -25.09 -4.31 -12.85
C LEU A 19 -24.56 -3.68 -14.12
N GLY A 20 -24.63 -2.35 -14.17
CA GLY A 20 -24.14 -1.62 -15.33
C GLY A 20 -22.71 -1.99 -15.64
N TRP A 21 -21.93 -2.22 -14.60
CA TRP A 21 -20.54 -2.57 -14.79
C TRP A 21 -20.33 -3.93 -15.44
N GLN A 22 -21.09 -4.92 -14.99
CA GLN A 22 -20.99 -6.28 -15.53
C GLN A 22 -21.40 -6.33 -16.98
N GLU A 23 -22.53 -5.70 -17.29
CA GLU A 23 -23.06 -5.65 -18.65
C GLU A 23 -22.05 -5.06 -19.62
N TYR A 24 -21.34 -4.04 -19.17
CA TYR A 24 -20.35 -3.40 -20.01
C TYR A 24 -19.28 -4.40 -20.37
N GLU A 25 -18.67 -4.98 -19.34
CA GLU A 25 -17.60 -5.96 -19.50
C GLU A 25 -18.04 -7.06 -20.45
N LYS A 26 -19.26 -7.54 -20.26
CA LYS A 26 -19.82 -8.59 -21.08
C LYS A 26 -20.05 -8.07 -22.49
N ASN A 27 -20.78 -6.97 -22.61
CA ASN A 27 -21.11 -6.39 -23.90
C ASN A 27 -20.59 -4.95 -24.09
N PRO A 28 -19.26 -4.82 -24.23
CA PRO A 28 -18.59 -3.54 -24.42
C PRO A 28 -18.77 -2.97 -25.82
N TYR A 29 -19.01 -1.67 -25.88
CA TYR A 29 -19.20 -1.03 -27.17
C TYR A 29 -17.90 -1.02 -27.95
N HIS A 30 -17.99 -1.12 -29.26
CA HIS A 30 -16.79 -1.03 -30.08
C HIS A 30 -17.01 -0.39 -31.43
N GLU A 31 -16.17 0.60 -31.70
CA GLU A 31 -16.20 1.39 -32.92
C GLU A 31 -16.45 0.56 -34.17
N VAL A 32 -15.76 -0.58 -34.25
CA VAL A 32 -15.86 -1.47 -35.40
C VAL A 32 -16.78 -2.70 -35.30
N HIS A 33 -16.51 -3.58 -34.35
CA HIS A 33 -17.33 -4.80 -34.26
C HIS A 33 -18.45 -4.84 -33.23
N ASN A 34 -18.74 -3.72 -32.60
CA ASN A 34 -19.85 -3.71 -31.66
C ASN A 34 -20.38 -2.32 -31.42
N THR A 35 -20.77 -1.69 -32.52
CA THR A 35 -21.28 -0.34 -32.52
C THR A 35 -22.57 -0.20 -31.70
N ASN A 36 -23.16 -1.32 -31.32
CA ASN A 36 -24.37 -1.24 -30.52
C ASN A 36 -24.08 -1.68 -29.09
N GLY A 37 -22.79 -1.84 -28.78
CA GLY A 37 -22.37 -2.22 -27.45
C GLY A 37 -22.58 -1.11 -26.44
N ILE A 38 -22.48 -1.45 -25.16
CA ILE A 38 -22.68 -0.50 -24.09
C ILE A 38 -21.50 0.49 -24.00
N ILE A 39 -21.81 1.78 -23.94
CA ILE A 39 -20.79 2.82 -23.85
C ILE A 39 -20.56 3.11 -22.37
N GLN A 40 -19.29 3.18 -21.99
CA GLN A 40 -18.93 3.43 -20.59
C GLN A 40 -18.85 4.90 -20.20
N MET A 41 -19.77 5.32 -19.34
CA MET A 41 -19.77 6.70 -18.90
C MET A 41 -19.83 6.75 -17.39
N GLY A 42 -19.45 5.66 -16.75
CA GLY A 42 -19.47 5.60 -15.30
C GLY A 42 -18.09 5.51 -14.66
N LEU A 43 -17.04 5.69 -15.46
CA LEU A 43 -15.67 5.59 -14.99
C LEU A 43 -15.00 6.97 -14.91
N ALA A 44 -14.72 7.42 -13.68
CA ALA A 44 -14.09 8.73 -13.49
C ALA A 44 -12.60 8.72 -13.75
N GLU A 45 -12.22 8.66 -15.02
CA GLU A 45 -10.82 8.68 -15.37
C GLU A 45 -10.52 9.76 -16.40
N ASN A 46 -9.36 10.39 -16.26
CA ASN A 46 -8.94 11.45 -17.16
C ASN A 46 -7.93 10.99 -18.20
N GLN A 47 -8.39 10.83 -19.44
CA GLN A 47 -7.53 10.39 -20.54
C GLN A 47 -7.27 11.54 -21.51
N LEU A 48 -7.61 12.75 -21.09
CA LEU A 48 -7.47 13.94 -21.94
C LEU A 48 -6.09 14.50 -22.25
N CYS A 49 -5.13 14.38 -21.34
CA CYS A 49 -3.81 14.96 -21.59
C CYS A 49 -2.61 14.04 -21.61
N PHE A 50 -2.79 12.77 -21.92
CA PHE A 50 -1.65 11.86 -21.94
C PHE A 50 -0.59 12.25 -22.97
N ASP A 51 -1.00 12.98 -24.00
CA ASP A 51 -0.07 13.40 -25.03
C ASP A 51 0.96 14.37 -24.46
N LEU A 52 0.55 15.22 -23.52
CA LEU A 52 1.50 16.17 -22.92
C LEU A 52 2.60 15.42 -22.15
N LEU A 53 2.19 14.38 -21.42
CA LEU A 53 3.12 13.57 -20.63
C LEU A 53 4.00 12.70 -21.50
N GLU A 54 3.41 12.10 -22.55
CA GLU A 54 4.18 11.26 -23.44
C GLU A 54 5.26 12.09 -24.12
N SER A 55 4.88 13.31 -24.48
CA SER A 55 5.78 14.24 -25.13
C SER A 55 6.97 14.53 -24.21
N TRP A 56 6.66 14.90 -22.97
CA TRP A 56 7.70 15.21 -22.01
C TRP A 56 8.64 14.02 -21.78
N LEU A 57 8.08 12.81 -21.72
CA LEU A 57 8.88 11.62 -21.48
C LEU A 57 9.89 11.44 -22.59
N ALA A 58 9.44 11.72 -23.82
CA ALA A 58 10.29 11.59 -24.99
C ALA A 58 11.46 12.58 -24.95
N LYS A 59 11.19 13.82 -24.57
CA LYS A 59 12.24 14.82 -24.50
C LYS A 59 13.09 14.71 -23.24
N ASN A 60 12.62 13.92 -22.27
CA ASN A 60 13.34 13.75 -21.00
C ASN A 60 13.47 12.29 -20.60
N PRO A 61 14.19 11.48 -21.39
CA PRO A 61 14.39 10.05 -21.13
C PRO A 61 15.13 9.63 -19.86
N GLU A 62 15.93 10.52 -19.28
CA GLU A 62 16.71 10.21 -18.07
C GLU A 62 15.90 9.83 -16.85
N ALA A 63 14.78 10.51 -16.63
CA ALA A 63 13.91 10.26 -15.47
C ALA A 63 13.59 8.79 -15.28
N ALA A 64 12.98 8.20 -16.31
CA ALA A 64 12.60 6.80 -16.26
C ALA A 64 13.76 5.83 -16.45
N ALA A 65 14.98 6.36 -16.54
CA ALA A 65 16.13 5.49 -16.74
C ALA A 65 16.95 5.23 -15.48
N PHE A 66 16.40 5.53 -14.31
CA PHE A 66 17.14 5.30 -13.06
C PHE A 66 18.45 6.02 -13.20
N LYS A 67 18.38 7.22 -13.77
CA LYS A 67 19.56 8.06 -13.98
C LYS A 67 19.34 9.47 -13.44
N LYS A 68 20.36 9.98 -12.78
CA LYS A 68 20.32 11.32 -12.22
C LYS A 68 21.64 11.98 -12.61
N ASN A 69 21.57 12.81 -13.67
CA ASN A 69 22.72 13.53 -14.19
C ASN A 69 23.74 12.58 -14.83
N GLY A 70 23.26 11.75 -15.75
CA GLY A 70 24.15 10.83 -16.45
C GLY A 70 24.65 9.63 -15.65
N GLU A 71 24.37 9.60 -14.36
CA GLU A 71 24.80 8.49 -13.52
C GLU A 71 23.60 7.66 -13.10
N SER A 72 23.85 6.38 -12.81
CA SER A 72 22.80 5.43 -12.41
C SER A 72 22.53 5.44 -10.91
N ILE A 73 21.26 5.57 -10.55
CA ILE A 73 20.87 5.56 -9.15
C ILE A 73 19.91 4.41 -8.91
N PHE A 74 19.99 3.38 -9.74
CA PHE A 74 19.14 2.21 -9.62
C PHE A 74 19.23 1.62 -8.22
N ALA A 75 20.43 1.21 -7.83
CA ALA A 75 20.66 0.63 -6.51
C ALA A 75 20.20 1.55 -5.41
N GLU A 76 20.49 2.84 -5.56
CA GLU A 76 20.09 3.82 -4.55
C GLU A 76 18.55 3.84 -4.37
N LEU A 77 17.85 3.77 -5.48
CA LEU A 77 16.39 3.78 -5.44
C LEU A 77 15.86 2.42 -5.01
N ALA A 78 16.45 1.36 -5.54
CA ALA A 78 16.00 0.01 -5.18
C ALA A 78 16.06 -0.17 -3.67
N LEU A 79 17.00 0.50 -3.03
CA LEU A 79 17.14 0.36 -1.59
C LEU A 79 16.31 1.34 -0.79
N PHE A 80 15.84 2.42 -1.43
CA PHE A 80 15.07 3.44 -0.73
C PHE A 80 13.72 3.00 -0.19
N GLN A 81 13.65 2.79 1.12
CA GLN A 81 12.40 2.38 1.71
C GLN A 81 12.01 3.20 2.94
N ASP A 82 12.54 4.41 3.02
CA ASP A 82 12.26 5.31 4.13
C ASP A 82 10.75 5.65 4.08
N TYR A 83 10.03 5.49 5.18
CA TYR A 83 8.62 5.84 5.14
C TYR A 83 8.35 7.36 5.10
N HIS A 84 9.39 8.18 4.94
CA HIS A 84 9.20 9.63 4.87
C HIS A 84 9.12 10.04 3.43
N GLY A 85 9.48 9.12 2.55
CA GLY A 85 9.43 9.39 1.13
C GLY A 85 10.67 10.06 0.61
N LEU A 86 10.87 9.96 -0.71
CA LEU A 86 11.99 10.61 -1.37
C LEU A 86 11.84 12.10 -1.17
N PRO A 87 12.85 12.77 -0.58
CA PRO A 87 12.75 14.21 -0.35
C PRO A 87 12.43 15.03 -1.62
N ALA A 88 13.16 14.75 -2.70
CA ALA A 88 12.95 15.46 -3.96
C ALA A 88 11.51 15.41 -4.42
N PHE A 89 10.90 14.23 -4.29
CA PHE A 89 9.52 14.06 -4.71
C PHE A 89 8.56 14.82 -3.83
N LYS A 90 8.77 14.77 -2.52
CA LYS A 90 7.89 15.46 -1.58
C LYS A 90 7.97 16.97 -1.78
N LYS A 91 9.11 17.44 -2.28
CA LYS A 91 9.28 18.86 -2.55
C LYS A 91 8.49 19.21 -3.83
N ALA A 92 8.68 18.41 -4.87
CA ALA A 92 7.99 18.64 -6.15
C ALA A 92 6.48 18.60 -5.95
N MET A 93 6.03 17.70 -5.07
CA MET A 93 4.61 17.52 -4.77
C MET A 93 4.02 18.75 -4.10
N VAL A 94 4.67 19.19 -3.03
CA VAL A 94 4.22 20.36 -2.28
C VAL A 94 4.21 21.63 -3.17
N ASP A 95 5.12 21.70 -4.13
CA ASP A 95 5.17 22.84 -5.05
C ASP A 95 3.97 22.76 -5.99
N PHE A 96 3.74 21.57 -6.53
CA PHE A 96 2.63 21.36 -7.43
C PHE A 96 1.29 21.66 -6.75
N MET A 97 1.18 21.30 -5.48
CA MET A 97 -0.05 21.53 -4.74
C MET A 97 -0.23 23.01 -4.56
N ALA A 98 0.86 23.72 -4.34
CA ALA A 98 0.80 25.17 -4.18
C ALA A 98 0.37 25.78 -5.51
N GLU A 99 1.03 25.37 -6.59
CA GLU A 99 0.71 25.88 -7.91
C GLU A 99 -0.76 25.70 -8.29
N ILE A 100 -1.34 24.57 -7.90
CA ILE A 100 -2.74 24.29 -8.21
C ILE A 100 -3.58 25.33 -7.50
N ARG A 101 -3.24 25.60 -6.25
CA ARG A 101 -3.93 26.60 -5.47
C ARG A 101 -3.45 28.04 -5.83
N GLY A 102 -2.87 28.21 -7.02
CA GLY A 102 -2.40 29.51 -7.44
C GLY A 102 -1.46 30.17 -6.45
N ASN A 103 -0.64 29.36 -5.80
CA ASN A 103 0.35 29.83 -4.82
C ASN A 103 -0.20 30.72 -3.72
N LYS A 104 -1.46 30.51 -3.37
CA LYS A 104 -2.09 31.26 -2.31
C LYS A 104 -1.72 30.65 -0.96
N VAL A 105 -1.31 29.38 -0.98
CA VAL A 105 -0.89 28.66 0.23
C VAL A 105 0.35 27.84 -0.06
N THR A 106 1.14 27.57 0.97
CA THR A 106 2.35 26.76 0.80
C THR A 106 2.23 25.58 1.75
N PHE A 107 2.85 24.47 1.39
CA PHE A 107 2.81 23.26 2.20
C PHE A 107 4.20 22.85 2.65
N ASP A 108 4.28 22.45 3.92
CA ASP A 108 5.53 22.01 4.49
C ASP A 108 5.68 20.56 4.07
N PRO A 109 6.74 20.24 3.31
CA PRO A 109 6.96 18.86 2.86
C PRO A 109 7.04 17.82 4.00
N ASN A 110 7.38 18.26 5.20
CA ASN A 110 7.47 17.34 6.34
C ASN A 110 6.13 17.06 6.98
N HIS A 111 5.07 17.72 6.48
CA HIS A 111 3.74 17.48 7.02
C HIS A 111 2.95 16.74 5.99
N LEU A 112 3.65 16.35 4.94
CA LEU A 112 3.08 15.60 3.85
C LEU A 112 3.55 14.14 3.93
N VAL A 113 2.62 13.19 3.95
CA VAL A 113 3.03 11.79 3.95
C VAL A 113 2.41 11.07 2.74
N LEU A 114 3.27 10.45 1.94
CA LEU A 114 2.82 9.75 0.75
C LEU A 114 2.17 8.41 1.09
N THR A 115 1.17 8.03 0.29
CA THR A 115 0.47 6.77 0.48
C THR A 115 0.22 6.15 -0.92
N ALA A 116 -0.13 4.87 -0.97
CA ALA A 116 -0.41 4.23 -2.25
C ALA A 116 -1.84 4.59 -2.69
N GLY A 117 -2.00 5.82 -3.18
CA GLY A 117 -3.28 6.32 -3.64
C GLY A 117 -4.10 7.01 -2.56
N ALA A 118 -5.19 7.67 -2.95
CA ALA A 118 -6.04 8.35 -1.98
C ALA A 118 -6.83 7.30 -1.24
N THR A 119 -7.02 6.15 -1.86
CA THR A 119 -7.74 5.02 -1.24
C THR A 119 -7.06 4.66 0.07
N SER A 120 -5.74 4.62 0.03
CA SER A 120 -4.89 4.30 1.15
C SER A 120 -4.94 5.48 2.14
N ALA A 121 -4.76 6.70 1.63
CA ALA A 121 -4.80 7.92 2.46
C ALA A 121 -6.12 8.04 3.22
N ASN A 122 -7.22 7.74 2.52
CA ASN A 122 -8.57 7.77 3.10
C ASN A 122 -8.62 6.92 4.39
N GLU A 123 -8.29 5.63 4.25
CA GLU A 123 -8.31 4.69 5.36
C GLU A 123 -7.34 5.01 6.50
N THR A 124 -6.11 5.35 6.15
CA THR A 124 -5.08 5.67 7.13
C THR A 124 -5.52 6.82 8.02
N PHE A 125 -6.14 7.84 7.41
CA PHE A 125 -6.61 9.00 8.15
C PHE A 125 -7.65 8.59 9.15
N ILE A 126 -8.54 7.69 8.74
CA ILE A 126 -9.59 7.22 9.63
C ILE A 126 -8.94 6.46 10.78
N PHE A 127 -7.95 5.63 10.46
CA PHE A 127 -7.25 4.85 11.48
C PHE A 127 -6.61 5.80 12.49
N CYS A 128 -6.12 6.94 12.00
CA CYS A 128 -5.46 7.92 12.86
C CYS A 128 -6.39 8.82 13.67
N LEU A 129 -7.60 9.06 13.17
CA LEU A 129 -8.49 9.97 13.88
C LEU A 129 -9.61 9.35 14.66
N ALA A 130 -10.01 8.13 14.32
CA ALA A 130 -11.12 7.52 15.03
C ALA A 130 -10.98 6.04 15.36
N ASP A 131 -11.48 5.67 16.53
CA ASP A 131 -11.45 4.28 16.97
C ASP A 131 -12.72 3.63 16.48
N PRO A 132 -12.75 2.30 16.45
CA PRO A 132 -13.95 1.58 16.00
C PRO A 132 -15.17 2.01 16.80
N GLY A 133 -16.32 2.15 16.14
CA GLY A 133 -17.53 2.52 16.84
C GLY A 133 -17.73 4.03 16.95
N GLU A 134 -16.79 4.78 16.41
CA GLU A 134 -16.90 6.23 16.40
C GLU A 134 -17.38 6.54 15.01
N ALA A 135 -17.67 7.80 14.73
CA ALA A 135 -18.19 8.15 13.42
C ALA A 135 -17.63 9.41 12.81
N VAL A 136 -17.83 9.50 11.49
CA VAL A 136 -17.39 10.63 10.68
C VAL A 136 -18.62 11.09 9.87
N LEU A 137 -18.78 12.40 9.71
CA LEU A 137 -19.92 12.94 8.97
C LEU A 137 -19.49 13.20 7.54
N ILE A 138 -20.33 12.79 6.58
CA ILE A 138 -20.03 13.01 5.18
C ILE A 138 -21.23 13.59 4.43
N PRO A 139 -21.03 14.68 3.68
CA PRO A 139 -22.15 15.25 2.94
C PRO A 139 -22.60 14.29 1.86
N THR A 140 -23.91 14.21 1.71
CA THR A 140 -24.58 13.36 0.74
C THR A 140 -24.92 14.27 -0.45
N PRO A 141 -24.76 13.78 -1.70
CA PRO A 141 -24.31 12.46 -2.15
C PRO A 141 -22.79 12.41 -2.12
N TYR A 142 -22.22 11.21 -2.01
CA TYR A 142 -20.76 11.10 -1.99
C TYR A 142 -20.23 9.90 -2.74
N TYR A 143 -18.91 9.91 -2.87
CA TYR A 143 -18.15 8.87 -3.53
C TYR A 143 -18.47 7.53 -2.85
N PRO A 144 -19.18 6.63 -3.56
CA PRO A 144 -19.54 5.31 -3.00
C PRO A 144 -18.36 4.51 -2.44
N GLY A 145 -17.15 4.82 -2.91
CA GLY A 145 -15.97 4.12 -2.45
C GLY A 145 -15.71 4.36 -0.97
N PHE A 146 -16.23 5.46 -0.45
CA PHE A 146 -16.04 5.79 0.95
C PHE A 146 -16.63 4.74 1.86
N ASP A 147 -17.69 4.09 1.39
CA ASP A 147 -18.35 3.08 2.20
C ASP A 147 -17.47 1.88 2.47
N ARG A 148 -16.42 1.73 1.69
CA ARG A 148 -15.50 0.62 1.89
C ARG A 148 -14.23 1.15 2.52
N ASP A 149 -13.67 2.21 1.93
CA ASP A 149 -12.44 2.80 2.40
C ASP A 149 -12.42 3.23 3.85
N LEU A 150 -13.45 3.97 4.26
CA LEU A 150 -13.50 4.49 5.60
C LEU A 150 -14.07 3.57 6.67
N LYS A 151 -14.73 2.47 6.30
CA LYS A 151 -15.33 1.61 7.32
C LYS A 151 -14.95 0.13 7.37
N TRP A 152 -14.56 -0.43 6.24
CA TRP A 152 -14.25 -1.85 6.20
C TRP A 152 -13.37 -2.37 7.32
N ARG A 153 -12.13 -1.92 7.37
CA ARG A 153 -11.18 -2.40 8.36
C ARG A 153 -11.04 -1.52 9.59
N THR A 154 -11.65 -0.33 9.54
CA THR A 154 -11.55 0.63 10.63
C THR A 154 -12.64 0.49 11.69
N GLY A 155 -13.74 -0.14 11.34
CA GLY A 155 -14.83 -0.27 12.29
C GLY A 155 -15.50 1.07 12.56
N VAL A 156 -15.13 2.08 11.77
CA VAL A 156 -15.70 3.42 11.93
C VAL A 156 -17.01 3.54 11.12
N GLU A 157 -17.90 4.40 11.59
CA GLU A 157 -19.20 4.57 10.93
C GLU A 157 -19.34 5.91 10.19
N ILE A 158 -20.17 5.91 9.15
CA ILE A 158 -20.44 7.12 8.37
C ILE A 158 -21.87 7.58 8.65
N VAL A 159 -22.01 8.84 9.03
CA VAL A 159 -23.33 9.41 9.28
C VAL A 159 -23.46 10.48 8.22
N PRO A 160 -24.53 10.41 7.40
CA PRO A 160 -24.73 11.39 6.33
C PRO A 160 -25.25 12.76 6.72
N ILE A 161 -24.74 13.75 6.00
CA ILE A 161 -25.18 15.14 6.17
C ILE A 161 -25.90 15.28 4.85
N HIS A 162 -27.23 15.27 4.86
CA HIS A 162 -27.98 15.37 3.62
C HIS A 162 -28.08 16.72 2.94
N CYS A 163 -27.93 16.69 1.63
CA CYS A 163 -28.01 17.87 0.81
C CYS A 163 -29.07 17.58 -0.23
N THR A 164 -29.73 18.64 -0.70
CA THR A 164 -30.80 18.50 -1.69
C THR A 164 -30.61 19.50 -2.81
N SER A 165 -31.35 19.32 -3.91
CA SER A 165 -31.20 20.20 -5.06
C SER A 165 -31.74 21.60 -4.84
N SER A 166 -32.63 21.75 -3.86
CA SER A 166 -33.21 23.05 -3.55
C SER A 166 -32.20 24.16 -3.50
N ASN A 167 -30.95 23.83 -3.14
CA ASN A 167 -29.90 24.84 -3.09
C ASN A 167 -28.61 24.40 -3.77
N GLY A 168 -28.75 23.59 -4.81
CA GLY A 168 -27.58 23.12 -5.53
C GLY A 168 -26.74 22.15 -4.72
N PHE A 169 -27.40 21.40 -3.84
CA PHE A 169 -26.71 20.42 -3.01
C PHE A 169 -25.60 21.03 -2.15
N GLN A 170 -25.78 22.26 -1.68
CA GLN A 170 -24.77 22.89 -0.85
C GLN A 170 -24.94 22.46 0.60
N ILE A 171 -23.87 22.59 1.37
CA ILE A 171 -23.90 22.23 2.77
C ILE A 171 -24.62 23.30 3.56
N THR A 172 -25.43 22.85 4.50
CA THR A 172 -26.23 23.72 5.32
C THR A 172 -25.94 23.56 6.82
N GLU A 173 -26.05 24.66 7.56
CA GLU A 173 -25.84 24.65 8.99
C GLU A 173 -26.83 23.68 9.65
N THR A 174 -28.05 23.65 9.10
CA THR A 174 -29.13 22.79 9.60
C THR A 174 -28.86 21.31 9.32
N ALA A 175 -28.27 21.03 8.15
CA ALA A 175 -27.96 19.65 7.76
C ALA A 175 -26.83 19.12 8.64
N LEU A 176 -25.86 19.98 8.94
CA LEU A 176 -24.73 19.62 9.78
C LEU A 176 -25.23 19.28 11.17
N GLU A 177 -25.96 20.21 11.76
CA GLU A 177 -26.50 20.05 13.09
C GLU A 177 -27.36 18.81 13.20
N GLU A 178 -28.16 18.57 12.17
CA GLU A 178 -29.05 17.42 12.14
C GLU A 178 -28.28 16.10 12.05
N ALA A 179 -27.18 16.10 11.28
CA ALA A 179 -26.35 14.91 11.12
C ALA A 179 -25.66 14.61 12.44
N TYR A 180 -25.14 15.65 13.09
CA TYR A 180 -24.48 15.52 14.37
C TYR A 180 -25.45 14.91 15.41
N GLN A 181 -26.69 15.36 15.36
CA GLN A 181 -27.72 14.88 16.26
C GLN A 181 -28.11 13.43 15.95
N GLU A 182 -28.07 13.04 14.69
CA GLU A 182 -28.42 11.66 14.33
C GLU A 182 -27.36 10.72 14.88
N ALA A 183 -26.13 11.22 14.96
CA ALA A 183 -25.03 10.43 15.48
C ALA A 183 -25.19 10.24 17.00
N GLU A 184 -25.51 11.33 17.69
CA GLU A 184 -25.69 11.28 19.13
C GLU A 184 -26.80 10.29 19.47
N LYS A 185 -27.89 10.36 18.71
CA LYS A 185 -29.02 9.47 18.91
C LYS A 185 -28.56 8.01 18.85
N ARG A 186 -27.65 7.73 17.93
CA ARG A 186 -27.13 6.37 17.75
C ARG A 186 -25.98 6.07 18.68
N ASN A 187 -25.66 7.04 19.53
CA ASN A 187 -24.58 6.88 20.48
C ASN A 187 -23.24 6.67 19.79
N LEU A 188 -23.04 7.38 18.67
CA LEU A 188 -21.77 7.31 17.98
C LEU A 188 -21.09 8.63 18.28
N ARG A 189 -19.81 8.56 18.60
CA ARG A 189 -19.05 9.76 18.89
C ARG A 189 -18.53 10.26 17.55
N VAL A 190 -18.86 11.51 17.24
CA VAL A 190 -18.43 12.11 15.99
C VAL A 190 -17.01 12.60 16.22
N LYS A 191 -16.12 12.25 15.31
CA LYS A 191 -14.72 12.64 15.40
C LYS A 191 -14.37 13.65 14.32
N GLY A 192 -15.20 13.73 13.29
CA GLY A 192 -14.91 14.68 12.24
C GLY A 192 -15.90 14.69 11.09
N VAL A 193 -15.66 15.63 10.16
CA VAL A 193 -16.46 15.77 8.96
C VAL A 193 -15.49 15.56 7.79
N LEU A 194 -15.89 14.72 6.84
CA LEU A 194 -15.07 14.45 5.67
C LEU A 194 -15.79 15.07 4.50
N VAL A 195 -15.06 15.91 3.77
CA VAL A 195 -15.64 16.63 2.66
C VAL A 195 -14.81 16.42 1.40
N THR A 196 -15.47 16.42 0.24
CA THR A 196 -14.78 16.27 -1.03
C THR A 196 -14.89 17.62 -1.74
N ASN A 197 -13.76 18.32 -1.86
CA ASN A 197 -13.71 19.65 -2.45
C ASN A 197 -12.54 19.77 -3.43
N PRO A 198 -12.81 19.81 -4.75
CA PRO A 198 -14.11 19.74 -5.45
C PRO A 198 -14.84 18.42 -5.25
N SER A 199 -16.16 18.48 -5.40
CA SER A 199 -16.99 17.31 -5.18
C SER A 199 -17.16 16.25 -6.26
N ASN A 200 -17.19 15.01 -5.79
CA ASN A 200 -17.44 13.80 -6.59
C ASN A 200 -18.68 13.38 -5.80
N PRO A 201 -19.84 13.19 -6.46
CA PRO A 201 -20.20 13.31 -7.87
C PRO A 201 -20.77 14.63 -8.38
N LEU A 202 -20.85 15.66 -7.52
CA LEU A 202 -21.47 16.91 -7.94
C LEU A 202 -20.80 17.65 -9.06
N GLY A 203 -19.47 17.70 -9.04
CA GLY A 203 -18.75 18.40 -10.10
C GLY A 203 -18.64 19.88 -9.83
N THR A 204 -18.88 20.26 -8.58
CA THR A 204 -18.83 21.65 -8.17
C THR A 204 -17.75 21.90 -7.12
N THR A 205 -17.16 23.09 -7.13
CA THR A 205 -16.16 23.44 -6.13
C THR A 205 -16.98 23.92 -4.93
N MET A 206 -16.44 23.78 -3.73
CA MET A 206 -17.17 24.24 -2.55
C MET A 206 -17.09 25.75 -2.43
N THR A 207 -18.19 26.37 -2.03
CA THR A 207 -18.23 27.82 -1.90
C THR A 207 -17.56 28.27 -0.61
N ARG A 208 -17.11 29.52 -0.59
CA ARG A 208 -16.45 30.07 0.59
C ARG A 208 -17.41 30.04 1.76
N ASN A 209 -18.67 30.31 1.45
CA ASN A 209 -19.72 30.32 2.45
C ASN A 209 -19.80 28.92 3.12
N GLU A 210 -19.84 27.87 2.31
CA GLU A 210 -19.92 26.51 2.84
C GLU A 210 -18.72 26.24 3.71
N LEU A 211 -17.55 26.64 3.20
CA LEU A 211 -16.30 26.44 3.91
C LEU A 211 -16.28 27.11 5.28
N TYR A 212 -16.71 28.36 5.35
CA TYR A 212 -16.73 29.07 6.63
C TYR A 212 -17.69 28.39 7.60
N LEU A 213 -18.83 27.97 7.09
CA LEU A 213 -19.83 27.33 7.91
C LEU A 213 -19.31 25.99 8.45
N LEU A 214 -18.49 25.33 7.65
CA LEU A 214 -17.89 24.05 8.05
C LEU A 214 -16.82 24.29 9.12
N LEU A 215 -15.94 25.23 8.83
CA LEU A 215 -14.87 25.59 9.75
C LEU A 215 -15.43 25.99 11.11
N SER A 216 -16.47 26.81 11.10
CA SER A 216 -17.06 27.25 12.35
C SER A 216 -17.79 26.09 13.07
N PHE A 217 -18.44 25.20 12.33
CA PHE A 217 -19.15 24.08 12.94
C PHE A 217 -18.15 23.10 13.57
N VAL A 218 -17.09 22.82 12.83
CA VAL A 218 -16.05 21.91 13.28
C VAL A 218 -15.34 22.52 14.48
N GLU A 219 -15.16 23.82 14.45
CA GLU A 219 -14.51 24.53 15.54
C GLU A 219 -15.44 24.49 16.75
N ASP A 220 -16.73 24.67 16.49
CA ASP A 220 -17.76 24.66 17.51
C ASP A 220 -17.88 23.31 18.19
N LYS A 221 -17.87 22.25 17.40
CA LYS A 221 -18.01 20.91 17.94
C LYS A 221 -16.70 20.32 18.45
N GLY A 222 -15.58 20.94 18.10
CA GLY A 222 -14.28 20.45 18.52
C GLY A 222 -13.88 19.19 17.80
N ILE A 223 -14.26 19.06 16.53
CA ILE A 223 -13.93 17.88 15.75
C ILE A 223 -13.02 18.20 14.59
N HIS A 224 -12.66 17.18 13.81
CA HIS A 224 -11.76 17.34 12.68
C HIS A 224 -12.48 17.64 11.38
N LEU A 225 -11.72 18.18 10.44
CA LEU A 225 -12.21 18.51 9.11
C LEU A 225 -11.23 17.93 8.10
N ILE A 226 -11.65 16.92 7.35
CA ILE A 226 -10.78 16.33 6.33
C ILE A 226 -11.28 16.79 4.97
N SER A 227 -10.41 17.43 4.22
CA SER A 227 -10.79 17.92 2.91
C SER A 227 -10.10 17.12 1.84
N ASP A 228 -10.86 16.23 1.21
CA ASP A 228 -10.37 15.39 0.14
C ASP A 228 -10.37 16.26 -1.13
N GLU A 229 -9.22 16.86 -1.43
CA GLU A 229 -9.09 17.73 -2.59
C GLU A 229 -8.42 17.05 -3.77
N ILE A 230 -8.74 15.78 -3.95
CA ILE A 230 -8.20 14.99 -5.06
C ILE A 230 -8.54 15.62 -6.43
N TYR A 231 -9.65 16.37 -6.52
CA TYR A 231 -10.05 17.00 -7.77
C TYR A 231 -9.66 18.47 -7.87
N SER A 232 -8.88 18.95 -6.90
CA SER A 232 -8.48 20.36 -6.88
C SER A 232 -7.88 20.85 -8.19
N GLY A 233 -7.26 19.97 -8.97
CA GLY A 233 -6.64 20.38 -10.21
C GLY A 233 -7.56 20.36 -11.44
N THR A 234 -8.79 19.93 -11.25
CA THR A 234 -9.75 19.86 -12.36
C THR A 234 -10.85 20.93 -12.29
N ALA A 235 -10.61 22.01 -11.54
CA ALA A 235 -11.56 23.10 -11.45
C ALA A 235 -11.32 24.00 -12.67
N PHE A 236 -12.02 23.72 -13.77
CA PHE A 236 -11.83 24.43 -15.03
C PHE A 236 -12.66 25.69 -15.30
N SER A 237 -13.54 26.05 -14.37
CA SER A 237 -14.38 27.24 -14.53
C SER A 237 -14.68 27.85 -13.18
N SER A 238 -14.96 29.14 -13.15
CA SER A 238 -15.27 29.79 -11.89
C SER A 238 -16.61 29.24 -11.41
N PRO A 239 -16.93 29.41 -10.12
CA PRO A 239 -16.10 30.11 -9.14
C PRO A 239 -14.76 29.46 -8.96
N SER A 240 -13.83 30.17 -8.33
CA SER A 240 -12.51 29.63 -8.10
C SER A 240 -12.60 28.51 -7.07
N PHE A 241 -11.64 27.58 -7.15
CA PHE A 241 -11.59 26.49 -6.20
C PHE A 241 -10.93 27.08 -4.94
N ILE A 242 -11.49 26.82 -3.77
CA ILE A 242 -10.91 27.35 -2.53
C ILE A 242 -10.49 26.17 -1.64
N SER A 243 -9.19 25.96 -1.51
CA SER A 243 -8.68 24.88 -0.68
C SER A 243 -8.94 25.25 0.78
N VAL A 244 -9.22 24.26 1.63
CA VAL A 244 -9.47 24.55 3.04
C VAL A 244 -8.29 25.27 3.67
N MET A 245 -7.10 25.06 3.12
CA MET A 245 -5.92 25.70 3.68
C MET A 245 -6.02 27.22 3.50
N GLU A 246 -6.67 27.64 2.41
CA GLU A 246 -6.84 29.06 2.13
C GLU A 246 -7.80 29.67 3.13
N VAL A 247 -8.92 28.99 3.35
CA VAL A 247 -9.92 29.47 4.28
C VAL A 247 -9.34 29.66 5.69
N LEU A 248 -8.40 28.82 6.09
CA LEU A 248 -7.81 28.95 7.40
C LEU A 248 -7.07 30.29 7.37
N LYS A 249 -6.27 30.48 6.33
CA LYS A 249 -5.54 31.73 6.19
C LYS A 249 -6.51 32.92 6.23
N ASP A 250 -7.56 32.85 5.42
CA ASP A 250 -8.56 33.91 5.32
C ASP A 250 -9.41 34.14 6.55
N ARG A 251 -9.57 33.12 7.39
CA ARG A 251 -10.37 33.26 8.60
C ARG A 251 -9.43 33.68 9.70
N ASN A 252 -8.19 33.96 9.30
CA ASN A 252 -7.13 34.39 10.22
C ASN A 252 -6.84 33.37 11.31
N CYS A 253 -6.68 32.12 10.91
CA CYS A 253 -6.39 31.04 11.84
C CYS A 253 -4.92 30.67 11.79
N ASP A 254 -4.12 31.21 12.70
CA ASP A 254 -2.70 30.86 12.75
C ASP A 254 -2.60 29.60 13.61
N GLU A 255 -1.37 29.19 13.95
CA GLU A 255 -1.20 27.97 14.76
C GLU A 255 -1.63 28.15 16.23
N ASN A 256 -2.28 29.28 16.52
CA ASN A 256 -2.76 29.54 17.88
C ASN A 256 -4.21 29.10 18.00
N SER A 257 -4.83 28.84 16.85
CA SER A 257 -6.20 28.37 16.81
C SER A 257 -6.14 26.86 17.11
N GLU A 258 -7.13 26.37 17.84
CA GLU A 258 -7.16 24.96 18.14
C GLU A 258 -7.53 24.23 16.85
N VAL A 259 -8.44 24.84 16.11
CA VAL A 259 -8.92 24.27 14.86
C VAL A 259 -7.81 24.14 13.84
N TRP A 260 -6.77 24.95 13.98
CA TRP A 260 -5.66 24.90 13.04
C TRP A 260 -5.01 23.54 12.91
N GLN A 261 -5.13 22.73 13.96
CA GLN A 261 -4.52 21.41 13.96
C GLN A 261 -5.53 20.31 13.66
N ARG A 262 -6.78 20.70 13.45
CA ARG A 262 -7.84 19.73 13.18
C ARG A 262 -8.33 19.80 11.73
N VAL A 263 -7.53 20.44 10.88
CA VAL A 263 -7.86 20.57 9.47
C VAL A 263 -6.80 19.81 8.68
N HIS A 264 -7.26 18.82 7.91
CA HIS A 264 -6.37 17.98 7.13
C HIS A 264 -6.78 17.90 5.66
N VAL A 265 -5.83 17.56 4.81
CA VAL A 265 -6.10 17.46 3.38
C VAL A 265 -5.63 16.11 2.85
N VAL A 266 -6.37 15.60 1.87
CA VAL A 266 -6.05 14.35 1.21
C VAL A 266 -5.90 14.74 -0.27
N TYR A 267 -4.90 14.17 -0.94
CA TYR A 267 -4.69 14.49 -2.34
C TYR A 267 -4.16 13.26 -3.04
N SER A 268 -4.09 13.32 -4.37
CA SER A 268 -3.63 12.19 -5.16
C SER A 268 -3.41 12.65 -6.61
N LEU A 269 -2.59 11.92 -7.34
CA LEU A 269 -2.28 12.27 -8.70
C LEU A 269 -3.17 11.50 -9.68
N SER A 270 -4.07 10.68 -9.15
CA SER A 270 -4.92 9.83 -9.98
C SER A 270 -5.96 10.50 -10.84
N LYS A 271 -6.55 11.58 -10.36
CA LYS A 271 -7.61 12.23 -11.13
C LYS A 271 -7.17 13.41 -12.00
N ASP A 272 -6.23 14.23 -11.55
CA ASP A 272 -5.81 15.35 -12.39
C ASP A 272 -4.76 14.97 -13.45
N LEU A 273 -3.70 14.28 -13.04
CA LEU A 273 -2.65 13.88 -13.98
C LEU A 273 -2.99 12.54 -14.65
N GLY A 274 -4.07 11.92 -14.20
CA GLY A 274 -4.51 10.66 -14.77
C GLY A 274 -3.56 9.49 -14.56
N LEU A 275 -2.96 9.41 -13.38
CA LEU A 275 -2.00 8.35 -13.08
C LEU A 275 -2.45 7.44 -11.92
N PRO A 276 -3.66 6.87 -12.01
CA PRO A 276 -4.15 6.00 -10.93
C PRO A 276 -3.33 4.73 -10.75
N GLY A 277 -2.76 4.21 -11.83
CA GLY A 277 -1.96 3.00 -11.75
C GLY A 277 -0.65 3.15 -10.98
N PHE A 278 -0.15 4.37 -10.89
CA PHE A 278 1.11 4.63 -10.20
C PHE A 278 0.96 4.70 -8.68
N ARG A 279 -0.27 4.81 -8.21
CA ARG A 279 -0.59 4.85 -6.78
C ARG A 279 0.06 5.94 -5.95
N VAL A 280 -0.19 7.20 -6.32
CA VAL A 280 0.40 8.31 -5.57
C VAL A 280 -0.67 9.11 -4.85
N GLY A 281 -0.76 8.91 -3.55
CA GLY A 281 -1.72 9.63 -2.74
C GLY A 281 -0.91 10.40 -1.72
N ALA A 282 -1.56 11.27 -0.96
CA ALA A 282 -0.84 12.04 0.03
C ALA A 282 -1.77 12.50 1.12
N ILE A 283 -1.19 12.66 2.30
CA ILE A 283 -1.92 13.12 3.46
C ILE A 283 -1.20 14.38 3.91
N TYR A 284 -1.97 15.41 4.24
CA TYR A 284 -1.36 16.64 4.73
C TYR A 284 -2.07 17.05 5.99
N SER A 285 -1.29 17.28 7.03
CA SER A 285 -1.85 17.68 8.30
C SER A 285 -0.90 18.61 9.02
N ASN A 286 -1.48 19.52 9.81
CA ASN A 286 -0.71 20.49 10.57
C ASN A 286 -0.39 19.90 11.93
N ASP A 287 -1.05 18.79 12.28
CA ASP A 287 -0.82 18.14 13.54
C ASP A 287 0.33 17.12 13.48
N ASP A 288 1.40 17.40 14.20
CA ASP A 288 2.59 16.54 14.23
C ASP A 288 2.27 15.10 14.62
N MET A 289 1.33 14.93 15.54
CA MET A 289 0.97 13.59 15.98
C MET A 289 0.35 12.77 14.85
N VAL A 290 -0.48 13.40 14.03
CA VAL A 290 -1.12 12.71 12.92
C VAL A 290 -0.08 12.38 11.85
N VAL A 291 0.82 13.31 11.58
CA VAL A 291 1.86 13.11 10.57
C VAL A 291 2.73 11.91 10.95
N ALA A 292 3.15 11.86 12.21
CA ALA A 292 3.98 10.77 12.72
C ALA A 292 3.26 9.43 12.67
N ALA A 293 2.02 9.38 13.15
CA ALA A 293 1.24 8.14 13.13
C ALA A 293 0.96 7.70 11.68
N ALA A 294 0.59 8.66 10.84
CA ALA A 294 0.29 8.39 9.45
C ALA A 294 1.53 7.95 8.70
N THR A 295 2.68 8.48 9.11
CA THR A 295 3.93 8.11 8.46
C THR A 295 4.27 6.65 8.76
N LYS A 296 4.03 6.22 9.99
CA LYS A 296 4.31 4.84 10.35
C LYS A 296 3.31 3.91 9.70
N MET A 297 2.07 4.37 9.55
CA MET A 297 1.04 3.57 8.90
C MET A 297 1.28 3.43 7.41
N SER A 298 1.90 4.44 6.80
CA SER A 298 2.17 4.40 5.37
C SER A 298 3.07 3.23 4.99
N SER A 299 3.75 2.64 5.96
CA SER A 299 4.63 1.50 5.68
C SER A 299 3.86 0.34 5.06
N PHE A 300 2.57 0.28 5.34
CA PHE A 300 1.72 -0.77 4.78
C PHE A 300 1.27 -0.43 3.36
N GLY A 301 1.66 0.75 2.87
CA GLY A 301 1.29 1.15 1.53
C GLY A 301 2.19 2.28 1.04
N LEU A 302 3.46 1.97 0.90
CA LEU A 302 4.45 2.94 0.46
C LEU A 302 4.37 3.10 -1.07
N VAL A 303 4.83 4.24 -1.57
CA VAL A 303 4.84 4.50 -3.01
C VAL A 303 6.17 3.97 -3.56
N SER A 304 6.11 3.29 -4.69
CA SER A 304 7.30 2.73 -5.32
C SER A 304 8.37 3.81 -5.51
N SER A 305 9.59 3.53 -5.08
CA SER A 305 10.66 4.50 -5.20
C SER A 305 10.97 4.78 -6.67
N GLN A 306 10.68 3.83 -7.54
CA GLN A 306 10.91 4.03 -8.97
C GLN A 306 9.94 5.12 -9.48
N THR A 307 8.70 5.04 -9.02
CA THR A 307 7.67 6.01 -9.39
C THR A 307 7.93 7.39 -8.77
N GLN A 308 8.30 7.43 -7.49
CA GLN A 308 8.59 8.68 -6.80
C GLN A 308 9.66 9.45 -7.56
N HIS A 309 10.64 8.73 -8.09
CA HIS A 309 11.72 9.35 -8.84
C HIS A 309 11.23 9.92 -10.17
N LEU A 310 10.47 9.13 -10.91
CA LEU A 310 9.94 9.57 -12.21
C LEU A 310 9.12 10.85 -12.05
N LEU A 311 8.22 10.86 -11.07
CA LEU A 311 7.35 11.99 -10.83
C LEU A 311 8.01 13.22 -10.24
N SER A 312 9.08 13.05 -9.50
CA SER A 312 9.76 14.20 -8.93
C SER A 312 10.45 14.94 -10.09
N ALA A 313 10.89 14.19 -11.10
CA ALA A 313 11.53 14.78 -12.27
C ALA A 313 10.47 15.53 -13.05
N MET A 314 9.35 14.85 -13.28
CA MET A 314 8.22 15.43 -14.01
C MET A 314 7.69 16.69 -13.34
N LEU A 315 7.30 16.57 -12.07
CA LEU A 315 6.72 17.70 -11.34
C LEU A 315 7.68 18.84 -11.01
N SER A 316 8.97 18.60 -11.21
CA SER A 316 9.99 19.62 -10.95
C SER A 316 10.10 20.56 -12.13
N ASP A 317 9.55 20.13 -13.27
CA ASP A 317 9.56 20.91 -14.49
C ASP A 317 8.38 21.88 -14.47
N LYS A 318 8.63 23.08 -13.96
CA LYS A 318 7.60 24.11 -13.85
C LYS A 318 6.99 24.54 -15.19
N LYS A 319 7.73 24.30 -16.26
CA LYS A 319 7.24 24.62 -17.59
C LYS A 319 6.12 23.61 -17.86
N LEU A 320 6.37 22.35 -17.51
CA LEU A 320 5.40 21.30 -17.74
C LEU A 320 4.20 21.41 -16.83
N THR A 321 4.44 21.63 -15.54
CA THR A 321 3.30 21.71 -14.63
C THR A 321 2.38 22.87 -15.01
N LYS A 322 2.98 24.03 -15.25
CA LYS A 322 2.21 25.21 -15.59
C LYS A 322 1.37 24.94 -16.83
N ASN A 323 2.02 24.37 -17.84
CA ASN A 323 1.34 24.07 -19.09
C ASN A 323 0.33 22.92 -18.99
N TYR A 324 0.60 21.92 -18.16
CA TYR A 324 -0.32 20.80 -18.02
C TYR A 324 -1.64 21.25 -17.41
N ILE A 325 -1.53 22.04 -16.35
CA ILE A 325 -2.73 22.53 -15.68
C ILE A 325 -3.61 23.34 -16.64
N ALA A 326 -3.00 24.30 -17.33
CA ALA A 326 -3.73 25.14 -18.29
C ALA A 326 -4.38 24.33 -19.41
N GLU A 327 -3.60 23.42 -19.98
CA GLU A 327 -4.09 22.57 -21.04
C GLU A 327 -5.19 21.63 -20.54
N ASN A 328 -5.03 21.14 -19.31
CA ASN A 328 -6.00 20.22 -18.72
C ASN A 328 -7.33 20.91 -18.47
N HIS A 329 -7.28 22.16 -18.00
CA HIS A 329 -8.51 22.90 -17.74
C HIS A 329 -9.24 23.19 -19.05
N LYS A 330 -8.44 23.47 -20.09
CA LYS A 330 -8.96 23.77 -21.41
C LYS A 330 -9.70 22.56 -21.93
N ARG A 331 -8.97 21.46 -22.10
CA ARG A 331 -9.58 20.25 -22.62
C ARG A 331 -10.80 19.80 -21.79
N LEU A 332 -10.74 19.95 -20.47
CA LEU A 332 -11.86 19.53 -19.63
C LEU A 332 -13.10 20.41 -19.80
N LYS A 333 -12.92 21.72 -19.91
CA LYS A 333 -14.07 22.61 -20.08
C LYS A 333 -14.75 22.36 -21.42
N GLN A 334 -13.93 22.19 -22.46
CA GLN A 334 -14.41 21.92 -23.79
C GLN A 334 -15.28 20.69 -23.73
N ARG A 335 -14.76 19.66 -23.08
CA ARG A 335 -15.43 18.38 -22.95
C ARG A 335 -16.73 18.42 -22.15
N GLN A 336 -16.70 19.16 -21.06
CA GLN A 336 -17.89 19.26 -20.23
C GLN A 336 -18.99 20.00 -21.01
N LYS A 337 -18.63 21.07 -21.70
CA LYS A 337 -19.58 21.85 -22.50
C LYS A 337 -20.28 20.95 -23.53
N LYS A 338 -19.50 20.07 -24.13
CA LYS A 338 -19.98 19.12 -25.11
C LYS A 338 -21.08 18.23 -24.50
N LEU A 339 -20.75 17.57 -23.40
CA LEU A 339 -21.71 16.70 -22.75
C LEU A 339 -22.95 17.49 -22.30
N VAL A 340 -22.73 18.63 -21.66
CA VAL A 340 -23.83 19.46 -21.16
C VAL A 340 -24.80 19.92 -22.25
N SER A 341 -24.28 20.29 -23.41
CA SER A 341 -25.12 20.74 -24.51
C SER A 341 -25.82 19.56 -25.18
N GLY A 342 -25.10 18.46 -25.40
CA GLY A 342 -25.69 17.29 -25.99
C GLY A 342 -26.81 16.77 -25.11
N LEU A 343 -26.68 17.01 -23.82
CA LEU A 343 -27.67 16.57 -22.85
C LEU A 343 -28.96 17.41 -22.93
N GLN A 344 -28.80 18.73 -23.15
CA GLN A 344 -29.97 19.60 -23.23
C GLN A 344 -30.67 19.48 -24.56
N LYS A 345 -29.98 18.97 -25.57
CA LYS A 345 -30.59 18.77 -26.87
C LYS A 345 -31.55 17.59 -26.70
N SER A 346 -31.51 16.99 -25.52
CA SER A 346 -32.37 15.85 -25.19
C SER A 346 -33.35 16.30 -24.14
N GLY A 347 -33.26 17.57 -23.78
CA GLY A 347 -34.15 18.14 -22.78
C GLY A 347 -33.67 17.95 -21.35
N ILE A 348 -32.51 17.31 -21.21
CA ILE A 348 -31.92 17.04 -19.90
C ILE A 348 -30.89 18.09 -19.50
N SER A 349 -30.96 18.52 -18.24
CA SER A 349 -30.01 19.50 -17.75
C SER A 349 -29.19 18.94 -16.61
N CYS A 350 -28.13 19.64 -16.25
CA CYS A 350 -27.24 19.21 -15.21
C CYS A 350 -27.10 20.26 -14.15
N LEU A 351 -26.56 19.83 -13.00
CA LEU A 351 -26.28 20.73 -11.91
C LEU A 351 -25.12 21.52 -12.54
N ASN A 352 -25.19 22.85 -12.46
CA ASN A 352 -24.15 23.70 -13.03
C ASN A 352 -22.82 23.46 -12.32
N GLY A 353 -21.87 22.81 -13.00
CA GLY A 353 -20.58 22.51 -12.38
C GLY A 353 -19.37 23.14 -13.05
N ASN A 354 -18.26 23.22 -12.31
CA ASN A 354 -17.03 23.82 -12.81
C ASN A 354 -15.78 23.00 -12.55
N ALA A 355 -15.97 21.79 -12.04
CA ALA A 355 -14.83 20.91 -11.71
C ALA A 355 -15.18 19.46 -11.92
N GLY A 356 -14.15 18.62 -11.88
CA GLY A 356 -14.38 17.19 -12.03
C GLY A 356 -14.22 16.63 -13.41
N LEU A 357 -14.63 15.37 -13.56
CA LEU A 357 -14.55 14.66 -14.83
C LEU A 357 -15.94 14.10 -15.15
N PHE A 358 -16.95 14.71 -14.55
CA PHE A 358 -18.31 14.21 -14.71
C PHE A 358 -19.32 15.30 -14.45
N CYS A 359 -20.56 15.03 -14.83
CA CYS A 359 -21.65 15.97 -14.63
C CYS A 359 -22.71 15.29 -13.80
N TRP A 360 -23.33 16.05 -12.91
CA TRP A 360 -24.41 15.54 -12.07
C TRP A 360 -25.65 15.93 -12.89
N VAL A 361 -26.24 14.96 -13.61
CA VAL A 361 -27.38 15.28 -14.45
C VAL A 361 -28.74 14.99 -13.86
N ASP A 362 -29.65 15.94 -14.08
CA ASP A 362 -31.03 15.90 -13.59
C ASP A 362 -31.98 15.22 -14.58
N MET A 363 -32.48 14.05 -14.19
CA MET A 363 -33.38 13.28 -15.03
C MET A 363 -34.63 12.91 -14.23
N ARG A 364 -34.97 13.76 -13.27
CA ARG A 364 -36.13 13.49 -12.43
C ARG A 364 -37.42 13.42 -13.25
N HIS A 365 -37.56 14.36 -14.20
CA HIS A 365 -38.73 14.42 -15.05
C HIS A 365 -38.96 13.12 -15.84
N LEU A 366 -37.94 12.27 -15.93
CA LEU A 366 -38.07 11.01 -16.66
C LEU A 366 -38.57 9.89 -15.77
N LEU A 367 -38.58 10.14 -14.46
CA LEU A 367 -39.03 9.12 -13.52
C LEU A 367 -40.55 8.87 -13.59
N ARG A 368 -40.95 7.60 -13.73
CA ARG A 368 -42.38 7.22 -13.78
C ARG A 368 -42.97 7.53 -12.42
N SER A 369 -42.07 7.70 -11.45
CA SER A 369 -42.45 7.98 -10.06
C SER A 369 -41.30 8.62 -9.31
N ASN A 370 -41.62 9.46 -8.34
CA ASN A 370 -40.58 10.06 -7.54
C ASN A 370 -40.14 9.09 -6.46
N THR A 371 -39.68 7.92 -6.88
CA THR A 371 -39.23 6.89 -5.97
C THR A 371 -37.90 6.34 -6.47
N PHE A 372 -37.18 5.63 -5.61
CA PHE A 372 -35.91 5.05 -6.01
C PHE A 372 -36.15 3.81 -6.89
N GLU A 373 -37.34 3.22 -6.78
CA GLU A 373 -37.66 2.06 -7.62
C GLU A 373 -37.82 2.58 -9.03
N ALA A 374 -38.35 3.80 -9.13
CA ALA A 374 -38.56 4.46 -10.42
C ALA A 374 -37.19 4.80 -11.00
N GLU A 375 -36.29 5.28 -10.14
CA GLU A 375 -34.94 5.62 -10.59
C GLU A 375 -34.19 4.38 -11.09
N MET A 376 -34.40 3.26 -10.41
CA MET A 376 -33.77 2.02 -10.81
C MET A 376 -34.39 1.59 -12.12
N GLU A 377 -35.66 1.94 -12.29
CA GLU A 377 -36.42 1.62 -13.50
C GLU A 377 -35.74 2.34 -14.66
N LEU A 378 -35.63 3.66 -14.52
CA LEU A 378 -35.01 4.50 -15.54
C LEU A 378 -33.61 4.00 -15.85
N TRP A 379 -32.83 3.77 -14.79
CA TRP A 379 -31.46 3.33 -14.93
C TRP A 379 -31.30 2.05 -15.75
N LYS A 380 -32.23 1.12 -15.56
CA LYS A 380 -32.17 -0.13 -16.31
C LYS A 380 -32.51 0.11 -17.77
N LYS A 381 -33.48 0.99 -18.02
CA LYS A 381 -33.87 1.28 -19.40
C LYS A 381 -32.65 1.87 -20.09
N ILE A 382 -31.91 2.70 -19.36
CA ILE A 382 -30.74 3.32 -19.94
C ILE A 382 -29.63 2.31 -20.21
N VAL A 383 -29.54 1.32 -19.34
CA VAL A 383 -28.50 0.30 -19.49
C VAL A 383 -28.84 -0.70 -20.60
N TYR A 384 -30.06 -1.22 -20.55
CA TYR A 384 -30.48 -2.21 -21.53
C TYR A 384 -30.97 -1.69 -22.87
N GLU A 385 -31.65 -0.55 -22.86
CA GLU A 385 -32.19 0.00 -24.10
C GLU A 385 -31.31 1.06 -24.77
N VAL A 386 -30.78 2.01 -24.00
CA VAL A 386 -29.93 3.02 -24.60
C VAL A 386 -28.48 2.54 -24.68
N HIS A 387 -28.17 1.51 -23.90
CA HIS A 387 -26.82 0.94 -23.88
C HIS A 387 -25.74 1.90 -23.41
N LEU A 388 -25.99 2.53 -22.26
CA LEU A 388 -25.03 3.46 -21.71
C LEU A 388 -24.81 3.07 -20.26
N ASN A 389 -23.57 3.14 -19.78
CA ASN A 389 -23.35 2.86 -18.38
C ASN A 389 -23.16 4.19 -17.68
N ILE A 390 -24.09 4.49 -16.79
CA ILE A 390 -24.12 5.73 -16.04
C ILE A 390 -24.35 5.36 -14.58
N SER A 391 -24.11 6.27 -13.65
CA SER A 391 -24.33 5.94 -12.23
C SER A 391 -25.59 6.52 -11.63
N PRO A 392 -26.44 5.66 -11.04
CA PRO A 392 -27.67 6.13 -10.42
C PRO A 392 -27.34 6.92 -9.14
N GLY A 393 -27.99 8.05 -8.96
CA GLY A 393 -27.73 8.88 -7.79
C GLY A 393 -27.82 8.16 -6.44
N SER A 394 -28.67 7.14 -6.34
CA SER A 394 -28.81 6.42 -5.08
C SER A 394 -27.53 5.64 -4.73
N SER A 395 -26.68 5.39 -5.71
CA SER A 395 -25.42 4.70 -5.48
C SER A 395 -24.57 5.60 -4.61
N CYS A 396 -24.69 6.91 -4.82
CA CYS A 396 -23.92 7.90 -4.08
C CYS A 396 -24.70 8.40 -2.89
N HIS A 397 -25.75 7.69 -2.54
CA HIS A 397 -26.58 8.05 -1.39
C HIS A 397 -27.31 9.39 -1.56
N CYS A 398 -27.69 9.74 -2.78
CA CYS A 398 -28.45 10.97 -2.97
C CYS A 398 -29.82 10.76 -2.32
N THR A 399 -30.32 11.78 -1.62
CA THR A 399 -31.61 11.66 -0.94
C THR A 399 -32.83 11.80 -1.84
N GLU A 400 -32.64 12.32 -3.05
CA GLU A 400 -33.75 12.46 -3.99
C GLU A 400 -33.48 11.65 -5.24
N PRO A 401 -34.44 10.81 -5.65
CA PRO A 401 -34.31 9.98 -6.85
C PRO A 401 -34.29 10.79 -8.13
N GLY A 402 -33.65 10.25 -9.16
CA GLY A 402 -33.62 10.96 -10.43
C GLY A 402 -32.32 11.61 -10.88
N TRP A 403 -31.33 11.64 -10.00
CA TRP A 403 -30.05 12.24 -10.39
C TRP A 403 -29.05 11.16 -10.85
N PHE A 404 -28.19 11.51 -11.80
CA PHE A 404 -27.23 10.52 -12.30
C PHE A 404 -25.89 11.20 -12.53
N ARG A 405 -24.81 10.42 -12.49
CA ARG A 405 -23.49 10.99 -12.74
C ARG A 405 -22.98 10.39 -14.04
N VAL A 406 -22.52 11.23 -14.95
CA VAL A 406 -22.00 10.72 -16.20
C VAL A 406 -20.64 11.37 -16.42
N CYS A 407 -19.66 10.56 -16.81
CA CYS A 407 -18.32 11.04 -17.01
C CYS A 407 -18.09 11.43 -18.46
N PHE A 408 -17.11 12.31 -18.68
CA PHE A 408 -16.83 12.79 -20.03
C PHE A 408 -15.34 12.86 -20.36
N ALA A 409 -14.48 12.63 -19.37
CA ALA A 409 -13.05 12.75 -19.59
C ALA A 409 -12.31 11.53 -20.11
N ASN A 410 -13.01 10.42 -20.29
CA ASN A 410 -12.35 9.21 -20.78
C ASN A 410 -13.04 8.63 -21.99
N LEU A 411 -13.67 9.48 -22.79
CA LEU A 411 -14.41 9.05 -23.97
C LEU A 411 -14.04 9.94 -25.15
N PRO A 412 -13.73 9.33 -26.32
CA PRO A 412 -13.39 10.12 -27.52
C PRO A 412 -14.63 10.94 -27.86
N GLU A 413 -14.45 12.14 -28.40
CA GLU A 413 -15.60 13.00 -28.72
C GLU A 413 -16.65 12.31 -29.58
N ARG A 414 -16.16 11.49 -30.52
CA ARG A 414 -17.02 10.75 -31.42
C ARG A 414 -17.95 9.84 -30.63
N THR A 415 -17.40 9.15 -29.62
CA THR A 415 -18.22 8.25 -28.81
C THR A 415 -19.20 9.04 -27.98
N LEU A 416 -18.74 10.15 -27.39
CA LEU A 416 -19.60 11.00 -26.59
C LEU A 416 -20.80 11.38 -27.44
N ASP A 417 -20.52 11.79 -28.68
CA ASP A 417 -21.56 12.18 -29.62
C ASP A 417 -22.51 11.01 -29.82
N LEU A 418 -21.97 9.83 -30.08
CA LEU A 418 -22.81 8.65 -30.27
C LEU A 418 -23.75 8.48 -29.09
N ALA A 419 -23.19 8.53 -27.87
CA ALA A 419 -23.98 8.38 -26.64
C ALA A 419 -25.10 9.41 -26.57
N MET A 420 -24.78 10.66 -26.93
CA MET A 420 -25.75 11.75 -26.91
C MET A 420 -26.88 11.51 -27.92
N GLN A 421 -26.53 10.93 -29.06
CA GLN A 421 -27.49 10.60 -30.12
C GLN A 421 -28.45 9.53 -29.62
N ARG A 422 -27.89 8.44 -29.06
CA ARG A 422 -28.70 7.35 -28.53
C ARG A 422 -29.67 7.86 -27.48
N LEU A 423 -29.18 8.80 -26.67
CA LEU A 423 -30.01 9.38 -25.63
C LEU A 423 -31.19 10.12 -26.26
N LYS A 424 -30.89 10.98 -27.24
CA LYS A 424 -31.93 11.76 -27.92
C LYS A 424 -33.03 10.89 -28.52
N ALA A 425 -32.62 9.82 -29.19
CA ALA A 425 -33.59 8.92 -29.81
C ALA A 425 -34.49 8.29 -28.76
N PHE A 426 -33.88 7.90 -27.63
CA PHE A 426 -34.60 7.28 -26.52
C PHE A 426 -35.59 8.24 -25.87
N VAL A 427 -35.14 9.45 -25.57
CA VAL A 427 -36.00 10.45 -24.97
C VAL A 427 -37.28 10.58 -25.82
N GLY A 428 -37.25 10.00 -27.02
CA GLY A 428 -38.42 10.01 -27.89
C GLY A 428 -39.32 8.79 -27.66
N MET B 1 -7.61 15.38 19.57
CA MET B 1 -7.87 13.98 20.05
C MET B 1 -7.91 12.99 18.88
N LEU B 2 -6.96 12.05 18.91
CA LEU B 2 -6.81 11.04 17.88
C LEU B 2 -7.25 9.67 18.34
N SER B 3 -6.97 8.65 17.53
CA SER B 3 -7.35 7.29 17.90
C SER B 3 -6.35 6.64 18.82
N ARG B 4 -6.73 5.49 19.38
CA ARG B 4 -5.83 4.74 20.25
C ARG B 4 -4.60 4.37 19.43
N ASN B 5 -4.83 3.88 18.22
CA ASN B 5 -3.75 3.48 17.33
C ASN B 5 -2.76 4.59 17.02
N ALA B 6 -3.24 5.83 17.00
CA ALA B 6 -2.37 6.96 16.70
C ALA B 6 -1.69 7.51 17.96
N THR B 7 -2.16 7.10 19.14
CA THR B 7 -1.56 7.63 20.37
C THR B 7 -0.86 6.65 21.29
N PHE B 8 -1.53 6.24 22.35
CA PHE B 8 -0.93 5.32 23.32
C PHE B 8 -0.85 3.87 22.84
N ASN B 9 -1.02 3.66 21.55
CA ASN B 9 -0.96 2.33 20.99
C ASN B 9 -0.28 2.37 19.63
N SER B 10 0.74 3.21 19.50
CA SER B 10 1.46 3.33 18.24
C SER B 10 2.72 2.47 18.24
N SER B 15 11.90 2.08 23.56
CA SER B 15 12.55 0.77 23.80
C SER B 15 14.07 0.75 23.93
N SER B 16 14.54 -0.35 24.51
CA SER B 16 15.94 -0.62 24.76
C SER B 16 16.67 -1.13 23.54
N TYR B 17 15.92 -1.66 22.57
CA TYR B 17 16.52 -2.26 21.39
C TYR B 17 16.97 -1.41 20.22
N PHE B 18 16.77 -0.11 20.29
CA PHE B 18 17.17 0.79 19.21
C PHE B 18 18.45 1.54 19.57
N LEU B 19 18.96 1.25 20.76
CA LEU B 19 20.18 1.83 21.28
C LEU B 19 21.32 1.75 20.26
N GLY B 20 21.55 0.57 19.69
CA GLY B 20 22.61 0.43 18.71
C GLY B 20 22.29 1.19 17.43
N TRP B 21 21.02 1.23 17.07
CA TRP B 21 20.63 1.92 15.86
C TRP B 21 20.85 3.40 15.96
N GLN B 22 20.44 4.00 17.08
CA GLN B 22 20.61 5.42 17.25
C GLN B 22 22.06 5.77 17.48
N GLU B 23 22.79 4.84 18.09
CA GLU B 23 24.19 5.09 18.35
C GLU B 23 24.96 5.10 17.04
N TYR B 24 24.46 4.32 16.09
CA TYR B 24 25.07 4.23 14.77
C TYR B 24 24.80 5.47 13.95
N GLU B 25 23.54 5.89 13.91
CA GLU B 25 23.12 7.09 13.18
C GLU B 25 23.95 8.31 13.59
N LYS B 26 24.22 8.41 14.88
CA LYS B 26 25.00 9.51 15.45
C LYS B 26 26.50 9.44 15.10
N ASN B 27 27.00 8.23 14.84
CA ASN B 27 28.42 8.08 14.52
C ASN B 27 28.62 6.98 13.50
N PRO B 28 28.09 7.18 12.27
CA PRO B 28 28.22 6.17 11.22
C PRO B 28 29.67 5.97 10.82
N TYR B 29 30.06 4.73 10.62
CA TYR B 29 31.43 4.44 10.23
C TYR B 29 31.67 4.93 8.82
N HIS B 30 32.90 5.37 8.55
CA HIS B 30 33.27 5.80 7.20
C HIS B 30 34.69 5.45 6.85
N GLU B 31 34.82 4.77 5.71
CA GLU B 31 36.10 4.33 5.19
C GLU B 31 37.16 5.41 5.32
N VAL B 32 36.81 6.65 4.95
CA VAL B 32 37.75 7.77 4.96
C VAL B 32 37.75 8.70 6.17
N HIS B 33 36.60 9.31 6.49
CA HIS B 33 36.56 10.27 7.59
C HIS B 33 36.01 9.81 8.92
N ASN B 34 35.73 8.53 9.06
CA ASN B 34 35.27 8.06 10.36
C ASN B 34 35.50 6.57 10.50
N THR B 35 36.75 6.21 10.36
CA THR B 35 37.19 4.84 10.43
C THR B 35 36.93 4.19 11.76
N ASN B 36 36.56 4.98 12.75
CA ASN B 36 36.24 4.44 14.05
C ASN B 36 34.74 4.51 14.33
N GLY B 37 33.97 4.85 13.30
CA GLY B 37 32.53 4.94 13.45
C GLY B 37 31.90 3.57 13.60
N ILE B 38 30.62 3.56 13.94
CA ILE B 38 29.90 2.31 14.12
C ILE B 38 29.61 1.65 12.78
N ILE B 39 29.89 0.35 12.69
CA ILE B 39 29.63 -0.43 11.48
C ILE B 39 28.24 -1.05 11.60
N GLN B 40 27.45 -0.93 10.53
CA GLN B 40 26.09 -1.46 10.53
C GLN B 40 26.00 -2.94 10.13
N MET B 41 25.61 -3.77 11.09
CA MET B 41 25.47 -5.18 10.81
C MET B 41 24.11 -5.66 11.30
N GLY B 42 23.18 -4.71 11.42
CA GLY B 42 21.85 -5.05 11.86
C GLY B 42 20.77 -4.84 10.80
N LEU B 43 21.18 -4.58 9.57
CA LEU B 43 20.27 -4.32 8.45
C LEU B 43 20.19 -5.47 7.46
N ALA B 44 19.05 -6.16 7.43
CA ALA B 44 18.90 -7.30 6.53
C ALA B 44 18.61 -6.86 5.10
N GLU B 45 19.64 -6.40 4.41
CA GLU B 45 19.47 -6.02 3.03
C GLU B 45 20.53 -6.67 2.11
N ASN B 46 20.10 -7.05 0.92
CA ASN B 46 20.99 -7.70 -0.02
C ASN B 46 21.49 -6.75 -1.09
N GLN B 47 22.77 -6.39 -0.97
CA GLN B 47 23.41 -5.50 -1.94
C GLN B 47 24.43 -6.24 -2.78
N LEU B 48 24.38 -7.57 -2.73
CA LEU B 48 25.34 -8.40 -3.45
C LEU B 48 25.26 -8.53 -4.97
N CYS B 49 24.05 -8.46 -5.55
CA CYS B 49 23.93 -8.64 -7.00
C CYS B 49 23.34 -7.52 -7.82
N PHE B 50 23.46 -6.28 -7.36
CA PHE B 50 22.90 -5.18 -8.14
C PHE B 50 23.56 -5.02 -9.51
N ASP B 51 24.79 -5.51 -9.65
CA ASP B 51 25.48 -5.42 -10.92
C ASP B 51 24.77 -6.25 -11.99
N LEU B 52 24.22 -7.40 -11.60
CA LEU B 52 23.54 -8.24 -12.56
C LEU B 52 22.32 -7.51 -13.12
N LEU B 53 21.60 -6.83 -12.24
CA LEU B 53 20.39 -6.09 -12.62
C LEU B 53 20.71 -4.83 -13.42
N GLU B 54 21.76 -4.12 -13.03
CA GLU B 54 22.16 -2.91 -13.73
C GLU B 54 22.57 -3.29 -15.14
N SER B 55 23.26 -4.41 -15.26
CA SER B 55 23.71 -4.90 -16.54
C SER B 55 22.51 -5.17 -17.44
N TRP B 56 21.55 -5.91 -16.91
CA TRP B 56 20.36 -6.23 -17.68
C TRP B 56 19.59 -4.99 -18.12
N LEU B 57 19.52 -4.00 -17.24
CA LEU B 57 18.80 -2.77 -17.54
C LEU B 57 19.44 -2.06 -18.72
N ALA B 58 20.77 -2.09 -18.75
CA ALA B 58 21.52 -1.46 -19.82
C ALA B 58 21.27 -2.15 -21.16
N LYS B 59 21.24 -3.47 -21.17
CA LYS B 59 21.01 -4.20 -22.42
C LYS B 59 19.54 -4.27 -22.80
N ASN B 60 18.65 -3.89 -21.88
CA ASN B 60 17.19 -3.93 -22.11
C ASN B 60 16.50 -2.65 -21.68
N PRO B 61 16.83 -1.53 -22.32
CA PRO B 61 16.25 -0.21 -22.00
C PRO B 61 14.76 0.01 -22.20
N GLU B 62 14.12 -0.81 -23.02
CA GLU B 62 12.68 -0.68 -23.30
C GLU B 62 11.75 -0.83 -22.11
N ALA B 63 12.07 -1.78 -21.22
CA ALA B 63 11.26 -2.05 -20.04
C ALA B 63 10.91 -0.79 -19.25
N ALA B 64 11.95 -0.10 -18.81
CA ALA B 64 11.78 1.12 -18.01
C ALA B 64 11.35 2.35 -18.81
N ALA B 65 11.05 2.16 -20.09
CA ALA B 65 10.67 3.27 -20.94
C ALA B 65 9.21 3.25 -21.34
N PHE B 66 8.38 2.62 -20.53
CA PHE B 66 6.96 2.56 -20.84
C PHE B 66 6.79 2.15 -22.29
N LYS B 67 7.53 1.11 -22.67
CA LYS B 67 7.50 0.62 -24.04
C LYS B 67 7.24 -0.87 -24.21
N LYS B 68 6.90 -1.25 -25.44
CA LYS B 68 6.65 -2.64 -25.82
C LYS B 68 6.84 -2.77 -27.33
N ASN B 69 8.01 -3.24 -27.74
CA ASN B 69 8.34 -3.39 -29.16
C ASN B 69 8.16 -2.04 -29.83
N GLY B 70 9.11 -1.14 -29.55
CA GLY B 70 9.05 0.20 -30.12
C GLY B 70 7.70 0.87 -29.92
N GLU B 71 6.85 0.32 -29.05
CA GLU B 71 5.53 0.90 -28.82
C GLU B 71 5.35 1.49 -27.41
N SER B 72 4.82 2.70 -27.34
CA SER B 72 4.59 3.35 -26.06
C SER B 72 3.33 2.79 -25.46
N ILE B 73 3.34 2.53 -24.17
CA ILE B 73 2.17 2.02 -23.49
C ILE B 73 1.99 2.77 -22.16
N PHE B 74 2.64 3.94 -22.10
CA PHE B 74 2.58 4.78 -20.91
C PHE B 74 1.14 4.92 -20.45
N ALA B 75 0.33 5.58 -21.28
CA ALA B 75 -1.08 5.86 -21.04
C ALA B 75 -1.85 4.67 -20.49
N GLU B 76 -1.51 3.52 -21.03
CA GLU B 76 -2.13 2.29 -20.65
C GLU B 76 -1.75 1.88 -19.23
N LEU B 77 -0.50 2.10 -18.86
CA LEU B 77 -0.02 1.77 -17.54
C LEU B 77 -0.51 2.79 -16.54
N ALA B 78 -0.41 4.06 -16.89
CA ALA B 78 -0.86 5.12 -16.00
C ALA B 78 -2.28 4.86 -15.56
N LEU B 79 -3.06 4.28 -16.45
CA LEU B 79 -4.46 4.03 -16.15
C LEU B 79 -4.73 2.71 -15.45
N PHE B 80 -3.78 1.79 -15.51
CA PHE B 80 -3.98 0.48 -14.90
C PHE B 80 -4.08 0.46 -13.38
N GLN B 81 -5.29 0.30 -12.87
CA GLN B 81 -5.48 0.25 -11.43
C GLN B 81 -6.32 -0.94 -10.99
N ASP B 82 -6.32 -1.99 -11.80
CA ASP B 82 -7.08 -3.19 -11.48
C ASP B 82 -6.46 -3.88 -10.26
N TYR B 83 -7.26 -4.17 -9.22
CA TYR B 83 -6.69 -4.82 -8.05
C TYR B 83 -6.27 -6.27 -8.27
N HIS B 84 -6.31 -6.75 -9.50
CA HIS B 84 -5.90 -8.13 -9.78
C HIS B 84 -4.48 -8.14 -10.26
N GLY B 85 -3.96 -6.97 -10.54
CA GLY B 85 -2.58 -6.85 -10.99
C GLY B 85 -2.41 -7.07 -12.47
N LEU B 86 -1.30 -6.56 -12.98
CA LEU B 86 -0.96 -6.70 -14.38
C LEU B 86 -0.81 -8.20 -14.63
N PRO B 87 -1.57 -8.76 -15.57
CA PRO B 87 -1.48 -10.20 -15.86
C PRO B 87 -0.05 -10.69 -16.18
N ALA B 88 0.65 -9.97 -17.05
CA ALA B 88 2.01 -10.32 -17.44
C ALA B 88 2.94 -10.44 -16.24
N PHE B 89 2.79 -9.54 -15.28
CA PHE B 89 3.62 -9.55 -14.10
C PHE B 89 3.28 -10.73 -13.21
N LYS B 90 1.99 -10.97 -13.01
CA LYS B 90 1.57 -12.07 -12.16
C LYS B 90 2.02 -13.41 -12.73
N LYS B 91 2.18 -13.46 -14.05
CA LYS B 91 2.64 -14.67 -14.70
C LYS B 91 4.14 -14.83 -14.46
N ALA B 92 4.89 -13.77 -14.70
CA ALA B 92 6.33 -13.79 -14.49
C ALA B 92 6.66 -14.13 -13.04
N MET B 93 5.83 -13.63 -12.12
CA MET B 93 6.03 -13.84 -10.69
C MET B 93 5.87 -15.32 -10.31
N VAL B 94 4.75 -15.89 -10.72
CA VAL B 94 4.42 -17.26 -10.45
C VAL B 94 5.48 -18.21 -11.07
N ASP B 95 6.07 -17.81 -12.19
CA ASP B 95 7.09 -18.63 -12.83
C ASP B 95 8.35 -18.55 -11.97
N PHE B 96 8.70 -17.33 -11.56
CA PHE B 96 9.88 -17.12 -10.74
C PHE B 96 9.80 -17.89 -9.43
N MET B 97 8.60 -17.93 -8.85
CA MET B 97 8.38 -18.62 -7.59
C MET B 97 8.57 -20.10 -7.81
N ALA B 98 8.13 -20.58 -8.96
CA ALA B 98 8.27 -21.99 -9.29
C ALA B 98 9.76 -22.30 -9.46
N GLU B 99 10.45 -21.47 -10.25
CA GLU B 99 11.88 -21.67 -10.49
C GLU B 99 12.70 -21.71 -9.21
N ILE B 100 12.34 -20.88 -8.24
CA ILE B 100 13.04 -20.83 -6.96
C ILE B 100 12.88 -22.19 -6.29
N ARG B 101 11.67 -22.72 -6.36
CA ARG B 101 11.36 -24.03 -5.80
C ARG B 101 11.77 -25.17 -6.77
N GLY B 102 12.71 -24.88 -7.68
CA GLY B 102 13.18 -25.88 -8.60
C GLY B 102 12.08 -26.56 -9.38
N ASN B 103 11.03 -25.81 -9.70
CA ASN B 103 9.90 -26.30 -10.46
C ASN B 103 9.27 -27.56 -9.91
N LYS B 104 9.34 -27.73 -8.60
CA LYS B 104 8.72 -28.87 -7.96
C LYS B 104 7.23 -28.58 -7.76
N VAL B 105 6.86 -27.30 -7.76
CA VAL B 105 5.47 -26.89 -7.58
C VAL B 105 5.15 -25.77 -8.56
N THR B 106 3.87 -25.60 -8.87
CA THR B 106 3.45 -24.52 -9.77
C THR B 106 2.40 -23.72 -9.05
N PHE B 107 2.32 -22.43 -9.38
CA PHE B 107 1.36 -21.56 -8.74
C PHE B 107 0.38 -21.01 -9.78
N ASP B 108 -0.89 -20.95 -9.40
CA ASP B 108 -1.94 -20.43 -10.25
C ASP B 108 -1.90 -18.91 -10.05
N PRO B 109 -1.63 -18.16 -11.13
CA PRO B 109 -1.57 -16.69 -11.06
C PRO B 109 -2.81 -16.04 -10.47
N ASN B 110 -3.95 -16.72 -10.58
CA ASN B 110 -5.20 -16.19 -10.07
C ASN B 110 -5.38 -16.38 -8.58
N HIS B 111 -4.44 -17.06 -7.95
CA HIS B 111 -4.51 -17.26 -6.52
C HIS B 111 -3.42 -16.45 -5.87
N LEU B 112 -2.77 -15.63 -6.68
CA LEU B 112 -1.69 -14.76 -6.24
C LEU B 112 -2.22 -13.32 -6.22
N VAL B 113 -2.09 -12.62 -5.09
CA VAL B 113 -2.49 -11.23 -5.05
C VAL B 113 -1.31 -10.38 -4.60
N LEU B 114 -0.97 -9.40 -5.42
CA LEU B 114 0.14 -8.50 -5.15
C LEU B 114 -0.19 -7.48 -4.07
N THR B 115 0.81 -7.11 -3.28
CA THR B 115 0.62 -6.12 -2.21
C THR B 115 1.88 -5.24 -2.20
N ALA B 116 1.82 -4.09 -1.53
CA ALA B 116 2.96 -3.19 -1.46
C ALA B 116 3.95 -3.72 -0.40
N GLY B 117 4.68 -4.80 -0.76
CA GLY B 117 5.64 -5.42 0.14
C GLY B 117 5.05 -6.54 1.01
N ALA B 118 5.91 -7.29 1.69
CA ALA B 118 5.47 -8.38 2.56
C ALA B 118 4.84 -7.77 3.80
N THR B 119 5.26 -6.56 4.15
CA THR B 119 4.73 -5.83 5.30
C THR B 119 3.21 -5.71 5.16
N SER B 120 2.80 -5.35 3.95
CA SER B 120 1.41 -5.20 3.60
C SER B 120 0.72 -6.56 3.58
N ALA B 121 1.35 -7.53 2.91
CA ALA B 121 0.84 -8.91 2.80
C ALA B 121 0.64 -9.53 4.20
N ASN B 122 1.60 -9.29 5.10
CA ASN B 122 1.54 -9.78 6.47
C ASN B 122 0.22 -9.35 7.13
N GLU B 123 0.00 -8.04 7.17
CA GLU B 123 -1.19 -7.48 7.80
C GLU B 123 -2.52 -7.86 7.12
N THR B 124 -2.54 -7.81 5.81
CA THR B 124 -3.75 -8.15 5.06
C THR B 124 -4.19 -9.57 5.34
N PHE B 125 -3.23 -10.48 5.45
CA PHE B 125 -3.54 -11.88 5.74
C PHE B 125 -4.18 -11.99 7.11
N ILE B 126 -3.66 -11.25 8.08
CA ILE B 126 -4.20 -11.29 9.42
C ILE B 126 -5.63 -10.77 9.36
N PHE B 127 -5.83 -9.67 8.62
CA PHE B 127 -7.16 -9.07 8.51
C PHE B 127 -8.12 -10.09 7.92
N CYS B 128 -7.62 -10.92 7.02
CA CYS B 128 -8.45 -11.93 6.38
C CYS B 128 -8.70 -13.20 7.18
N LEU B 129 -7.78 -13.58 8.07
CA LEU B 129 -7.96 -14.81 8.80
C LEU B 129 -8.41 -14.70 10.25
N ALA B 130 -8.18 -13.56 10.89
CA ALA B 130 -8.55 -13.41 12.29
C ALA B 130 -9.18 -12.08 12.68
N ASP B 131 -10.16 -12.16 13.59
CA ASP B 131 -10.84 -10.98 14.08
C ASP B 131 -10.07 -10.51 15.29
N PRO B 132 -10.31 -9.27 15.72
CA PRO B 132 -9.61 -8.74 16.88
C PRO B 132 -9.84 -9.62 18.11
N GLY B 133 -8.81 -9.81 18.93
CA GLY B 133 -8.96 -10.63 20.11
C GLY B 133 -8.70 -12.10 19.88
N GLU B 134 -8.39 -12.46 18.64
CA GLU B 134 -8.06 -13.83 18.31
C GLU B 134 -6.53 -13.86 18.25
N ALA B 135 -5.95 -15.02 18.06
CA ALA B 135 -4.51 -15.08 18.06
C ALA B 135 -3.89 -15.97 17.01
N VAL B 136 -2.59 -15.74 16.79
CA VAL B 136 -1.79 -16.48 15.83
C VAL B 136 -0.54 -16.95 16.58
N LEU B 137 -0.10 -18.17 16.30
CA LEU B 137 1.09 -18.73 16.97
C LEU B 137 2.31 -18.50 16.09
N ILE B 138 3.40 -18.04 16.69
CA ILE B 138 4.62 -17.78 15.94
C ILE B 138 5.84 -18.36 16.66
N PRO B 139 6.66 -19.16 15.96
CA PRO B 139 7.85 -19.74 16.59
C PRO B 139 8.83 -18.65 16.98
N THR B 140 9.38 -18.81 18.16
CA THR B 140 10.36 -17.89 18.74
C THR B 140 11.74 -18.48 18.44
N PRO B 141 12.74 -17.64 18.08
CA PRO B 141 12.75 -16.18 17.91
C PRO B 141 12.20 -15.80 16.54
N TYR B 142 11.66 -14.60 16.44
CA TYR B 142 11.10 -14.17 15.18
C TYR B 142 11.35 -12.72 14.81
N TYR B 143 11.05 -12.42 13.56
CA TYR B 143 11.17 -11.09 13.01
C TYR B 143 10.42 -10.08 13.90
N PRO B 144 11.16 -9.20 14.59
CA PRO B 144 10.51 -8.22 15.47
C PRO B 144 9.44 -7.35 14.79
N GLY B 145 9.52 -7.24 13.46
CA GLY B 145 8.53 -6.45 12.73
C GLY B 145 7.14 -7.03 12.82
N PHE B 146 7.04 -8.32 13.15
CA PHE B 146 5.75 -8.99 13.27
C PHE B 146 4.91 -8.37 14.38
N ASP B 147 5.59 -7.89 15.41
CA ASP B 147 4.90 -7.31 16.55
C ASP B 147 4.10 -6.07 16.18
N ARG B 148 4.44 -5.47 15.04
CA ARG B 148 3.74 -4.28 14.58
C ARG B 148 2.80 -4.67 13.44
N ASP B 149 3.35 -5.36 12.45
CA ASP B 149 2.59 -5.77 11.26
C ASP B 149 1.33 -6.58 11.56
N LEU B 150 1.46 -7.61 12.37
CA LEU B 150 0.34 -8.49 12.66
C LEU B 150 -0.62 -8.05 13.75
N LYS B 151 -0.24 -7.06 14.57
CA LYS B 151 -1.13 -6.67 15.66
C LYS B 151 -1.60 -5.23 15.76
N TRP B 152 -0.80 -4.29 15.28
CA TRP B 152 -1.15 -2.87 15.41
C TRP B 152 -2.59 -2.49 15.07
N ARG B 153 -2.98 -2.66 13.82
CA ARG B 153 -4.32 -2.28 13.37
C ARG B 153 -5.33 -3.43 13.32
N THR B 154 -4.84 -4.65 13.50
CA THR B 154 -5.69 -5.83 13.44
C THR B 154 -6.31 -6.23 14.75
N GLY B 155 -5.71 -5.81 15.87
CA GLY B 155 -6.24 -6.18 17.17
C GLY B 155 -6.00 -7.64 17.46
N VAL B 156 -5.21 -8.29 16.61
CA VAL B 156 -4.89 -9.70 16.77
C VAL B 156 -3.68 -9.88 17.71
N GLU B 157 -3.63 -11.03 18.40
CA GLU B 157 -2.55 -11.28 19.33
C GLU B 157 -1.58 -12.36 18.84
N ILE B 158 -0.33 -12.27 19.30
CA ILE B 158 0.71 -13.23 18.98
C ILE B 158 1.04 -14.05 20.22
N VAL B 159 0.97 -15.38 20.09
CA VAL B 159 1.32 -16.26 21.21
C VAL B 159 2.54 -17.00 20.71
N PRO B 160 3.65 -16.95 21.47
CA PRO B 160 4.87 -17.61 21.05
C PRO B 160 4.94 -19.13 21.23
N ILE B 161 5.63 -19.76 20.28
CA ILE B 161 5.90 -21.19 20.29
C ILE B 161 7.40 -21.11 20.53
N HIS B 162 7.84 -21.40 21.74
CA HIS B 162 9.26 -21.29 22.04
C HIS B 162 10.16 -22.40 21.54
N CYS B 163 11.33 -21.98 21.05
CA CYS B 163 12.33 -22.89 20.53
C CYS B 163 13.60 -22.56 21.29
N THR B 164 14.46 -23.56 21.46
CA THR B 164 15.71 -23.39 22.19
C THR B 164 16.85 -23.98 21.40
N SER B 165 18.07 -23.69 21.81
CA SER B 165 19.26 -24.16 21.10
C SER B 165 19.50 -25.65 21.22
N SER B 166 18.94 -26.26 22.26
CA SER B 166 19.10 -27.68 22.50
C SER B 166 18.93 -28.49 21.23
N ASN B 167 18.09 -28.01 20.33
CA ASN B 167 17.87 -28.74 19.08
C ASN B 167 17.96 -27.86 17.86
N GLY B 168 18.84 -26.86 17.92
CA GLY B 168 18.99 -25.96 16.79
C GLY B 168 17.75 -25.10 16.55
N PHE B 169 17.04 -24.78 17.62
CA PHE B 169 15.86 -23.94 17.51
C PHE B 169 14.82 -24.50 16.54
N GLN B 170 14.67 -25.82 16.49
CA GLN B 170 13.68 -26.41 15.62
C GLN B 170 12.31 -26.45 16.32
N ILE B 171 11.25 -26.55 15.53
CA ILE B 171 9.91 -26.59 16.09
C ILE B 171 9.64 -27.98 16.62
N THR B 172 8.97 -28.00 17.76
CA THR B 172 8.65 -29.23 18.47
C THR B 172 7.16 -29.42 18.70
N GLU B 173 6.72 -30.67 18.67
CA GLU B 173 5.32 -31.00 18.89
C GLU B 173 4.88 -30.50 20.27
N THR B 174 5.81 -30.58 21.22
CA THR B 174 5.57 -30.14 22.60
C THR B 174 5.44 -28.63 22.71
N ALA B 175 6.25 -27.91 21.94
CA ALA B 175 6.25 -26.45 21.95
C ALA B 175 4.96 -25.95 21.31
N LEU B 176 4.51 -26.64 20.27
CA LEU B 176 3.30 -26.28 19.57
C LEU B 176 2.11 -26.44 20.52
N GLU B 177 2.01 -27.64 21.08
CA GLU B 177 0.93 -27.97 22.02
C GLU B 177 0.89 -27.01 23.20
N GLU B 178 2.06 -26.69 23.72
CA GLU B 178 2.17 -25.79 24.85
C GLU B 178 1.74 -24.36 24.51
N ALA B 179 2.08 -23.91 23.30
CA ALA B 179 1.72 -22.57 22.85
C ALA B 179 0.20 -22.51 22.67
N TYR B 180 -0.37 -23.55 22.08
CA TYR B 180 -1.81 -23.63 21.88
C TYR B 180 -2.52 -23.56 23.25
N GLN B 181 -1.96 -24.26 24.23
CA GLN B 181 -2.54 -24.27 25.56
C GLN B 181 -2.41 -22.91 26.24
N GLU B 182 -1.31 -22.19 25.97
CA GLU B 182 -1.12 -20.89 26.58
C GLU B 182 -2.17 -19.92 26.06
N ALA B 183 -2.59 -20.13 24.82
CA ALA B 183 -3.62 -19.29 24.20
C ALA B 183 -4.97 -19.57 24.82
N GLU B 184 -5.30 -20.85 24.98
CA GLU B 184 -6.58 -21.24 25.59
C GLU B 184 -6.68 -20.66 26.99
N LYS B 185 -5.60 -20.75 27.74
CA LYS B 185 -5.57 -20.23 29.09
C LYS B 185 -5.93 -18.75 29.09
N ARG B 186 -5.45 -18.03 28.08
CA ARG B 186 -5.71 -16.60 27.97
C ARG B 186 -7.03 -16.32 27.27
N ASN B 187 -7.74 -17.38 26.94
CA ASN B 187 -9.02 -17.25 26.27
C ASN B 187 -8.90 -16.57 24.91
N LEU B 188 -7.82 -16.88 24.19
CA LEU B 188 -7.63 -16.33 22.87
C LEU B 188 -7.89 -17.50 21.95
N ARG B 189 -8.64 -17.24 20.89
CA ARG B 189 -8.93 -18.28 19.91
C ARG B 189 -7.77 -18.28 18.92
N VAL B 190 -7.13 -19.43 18.76
CA VAL B 190 -6.02 -19.56 17.84
C VAL B 190 -6.64 -19.77 16.46
N LYS B 191 -6.19 -18.98 15.49
CA LYS B 191 -6.68 -19.07 14.13
C LYS B 191 -5.61 -19.64 13.21
N GLY B 192 -4.36 -19.63 13.64
CA GLY B 192 -3.32 -20.18 12.81
C GLY B 192 -1.90 -20.08 13.36
N VAL B 193 -0.97 -20.64 12.61
CA VAL B 193 0.44 -20.62 12.96
C VAL B 193 1.13 -19.90 11.80
N LEU B 194 1.98 -18.93 12.14
CA LEU B 194 2.71 -18.18 11.13
C LEU B 194 4.16 -18.60 11.27
N VAL B 195 4.73 -19.02 10.16
CA VAL B 195 6.09 -19.52 10.16
C VAL B 195 6.92 -18.79 9.11
N THR B 196 8.21 -18.60 9.38
CA THR B 196 9.10 -17.95 8.43
C THR B 196 10.04 -19.05 7.94
N ASN B 197 9.90 -19.43 6.67
CA ASN B 197 10.69 -20.50 6.06
C ASN B 197 11.19 -20.04 4.67
N PRO B 198 12.51 -19.77 4.54
CA PRO B 198 13.59 -19.82 5.54
C PRO B 198 13.44 -18.81 6.65
N SER B 199 14.03 -19.12 7.79
CA SER B 199 13.90 -18.27 8.96
C SER B 199 14.74 -17.02 9.12
N ASN B 200 14.09 -15.98 9.64
CA ASN B 200 14.69 -14.71 10.01
C ASN B 200 14.29 -14.76 11.49
N PRO B 201 15.26 -14.68 12.43
CA PRO B 201 16.71 -14.50 12.31
C PRO B 201 17.62 -15.72 12.30
N LEU B 202 17.07 -16.93 12.30
CA LEU B 202 17.91 -18.13 12.38
C LEU B 202 18.86 -18.36 11.22
N GLY B 203 18.38 -18.11 10.00
CA GLY B 203 19.23 -18.32 8.84
C GLY B 203 19.23 -19.77 8.39
N THR B 204 18.23 -20.52 8.85
CA THR B 204 18.09 -21.93 8.52
C THR B 204 16.78 -22.22 7.75
N THR B 205 16.82 -23.19 6.85
CA THR B 205 15.62 -23.57 6.13
C THR B 205 14.90 -24.53 7.08
N MET B 206 13.58 -24.62 6.97
CA MET B 206 12.84 -25.52 7.82
C MET B 206 13.00 -26.94 7.32
N THR B 207 13.13 -27.88 8.25
CA THR B 207 13.29 -29.29 7.89
C THR B 207 11.95 -29.92 7.53
N ARG B 208 12.01 -31.01 6.76
CA ARG B 208 10.80 -31.72 6.33
C ARG B 208 10.06 -32.23 7.55
N ASN B 209 10.84 -32.65 8.54
CA ASN B 209 10.28 -33.15 9.79
C ASN B 209 9.44 -32.06 10.47
N GLU B 210 10.00 -30.85 10.56
CA GLU B 210 9.28 -29.74 11.18
C GLU B 210 7.99 -29.45 10.42
N LEU B 211 8.12 -29.42 9.09
CA LEU B 211 7.00 -29.15 8.19
C LEU B 211 5.87 -30.17 8.36
N TYR B 212 6.21 -31.46 8.40
CA TYR B 212 5.18 -32.49 8.58
C TYR B 212 4.49 -32.35 9.93
N LEU B 213 5.28 -32.06 10.95
CA LEU B 213 4.74 -31.90 12.29
C LEU B 213 3.81 -30.68 12.34
N LEU B 214 4.16 -29.65 11.58
CA LEU B 214 3.33 -28.45 11.54
C LEU B 214 2.03 -28.73 10.81
N LEU B 215 2.14 -29.35 9.64
CA LEU B 215 0.99 -29.70 8.81
C LEU B 215 0.03 -30.56 9.60
N SER B 216 0.57 -31.54 10.30
CA SER B 216 -0.29 -32.43 11.06
C SER B 216 -0.91 -31.75 12.28
N PHE B 217 -0.19 -30.82 12.90
CA PHE B 217 -0.71 -30.09 14.06
C PHE B 217 -1.84 -29.13 13.63
N VAL B 218 -1.59 -28.45 12.52
CA VAL B 218 -2.52 -27.50 11.97
C VAL B 218 -3.77 -28.22 11.49
N GLU B 219 -3.55 -29.39 10.92
CA GLU B 219 -4.64 -30.21 10.44
C GLU B 219 -5.45 -30.69 11.64
N ASP B 220 -4.73 -31.09 12.69
CA ASP B 220 -5.31 -31.58 13.91
C ASP B 220 -6.14 -30.53 14.63
N LYS B 221 -5.63 -29.31 14.68
CA LYS B 221 -6.35 -28.24 15.38
C LYS B 221 -7.37 -27.54 14.51
N GLY B 222 -7.30 -27.78 13.21
CA GLY B 222 -8.24 -27.15 12.30
C GLY B 222 -7.96 -25.66 12.10
N ILE B 223 -6.68 -25.29 12.12
CA ILE B 223 -6.30 -23.90 11.95
C ILE B 223 -5.49 -23.69 10.69
N HIS B 224 -5.08 -22.44 10.47
CA HIS B 224 -4.31 -22.08 9.27
C HIS B 224 -2.81 -22.19 9.46
N LEU B 225 -2.12 -22.27 8.33
CA LEU B 225 -0.67 -22.32 8.31
C LEU B 225 -0.18 -21.27 7.30
N ILE B 226 0.46 -20.20 7.78
CA ILE B 226 0.98 -19.18 6.87
C ILE B 226 2.48 -19.35 6.81
N SER B 227 2.99 -19.55 5.60
CA SER B 227 4.41 -19.71 5.44
C SER B 227 5.00 -18.49 4.74
N ASP B 228 5.70 -17.67 5.51
CA ASP B 228 6.35 -16.48 5.01
C ASP B 228 7.67 -16.93 4.38
N GLU B 229 7.66 -17.16 3.08
CA GLU B 229 8.83 -17.64 2.37
C GLU B 229 9.56 -16.54 1.63
N ILE B 230 9.63 -15.38 2.28
CA ILE B 230 10.30 -14.22 1.70
C ILE B 230 11.78 -14.49 1.42
N TYR B 231 12.39 -15.41 2.16
CA TYR B 231 13.81 -15.74 1.98
C TYR B 231 14.03 -17.00 1.15
N SER B 232 12.96 -17.54 0.57
CA SER B 232 13.07 -18.77 -0.20
C SER B 232 14.17 -18.75 -1.25
N GLY B 233 14.48 -17.58 -1.78
CA GLY B 233 15.50 -17.48 -2.82
C GLY B 233 16.93 -17.33 -2.32
N THR B 234 17.11 -17.25 -1.01
CA THR B 234 18.44 -17.08 -0.44
C THR B 234 18.96 -18.36 0.25
N ALA B 235 18.38 -19.51 -0.06
CA ALA B 235 18.85 -20.78 0.52
C ALA B 235 20.04 -21.21 -0.34
N PHE B 236 21.24 -20.83 0.09
CA PHE B 236 22.48 -21.10 -0.65
C PHE B 236 23.25 -22.40 -0.35
N SER B 237 22.78 -23.18 0.60
CA SER B 237 23.45 -24.44 0.94
C SER B 237 22.42 -25.43 1.43
N SER B 238 22.74 -26.72 1.34
CA SER B 238 21.82 -27.74 1.81
C SER B 238 21.73 -27.62 3.32
N PRO B 239 20.69 -28.20 3.93
CA PRO B 239 19.64 -28.97 3.24
C PRO B 239 18.88 -28.12 2.25
N SER B 240 18.11 -28.77 1.38
CA SER B 240 17.32 -28.05 0.41
C SER B 240 16.19 -27.29 1.10
N PHE B 241 15.76 -26.19 0.49
CA PHE B 241 14.66 -25.41 1.02
C PHE B 241 13.40 -26.16 0.61
N ILE B 242 12.48 -26.37 1.53
CA ILE B 242 11.23 -27.05 1.20
C ILE B 242 10.06 -26.08 1.43
N SER B 243 9.43 -25.67 0.33
CA SER B 243 8.29 -24.79 0.42
C SER B 243 7.10 -25.57 0.96
N VAL B 244 6.24 -24.94 1.74
CA VAL B 244 5.07 -25.66 2.28
C VAL B 244 4.21 -26.23 1.17
N MET B 245 4.28 -25.63 -0.01
CA MET B 245 3.50 -26.12 -1.12
C MET B 245 3.98 -27.51 -1.53
N GLU B 246 5.29 -27.75 -1.38
CA GLU B 246 5.88 -29.05 -1.70
C GLU B 246 5.42 -30.11 -0.73
N VAL B 247 5.43 -29.76 0.55
CA VAL B 247 5.02 -30.70 1.57
C VAL B 247 3.58 -31.15 1.37
N LEU B 248 2.72 -30.26 0.91
CA LEU B 248 1.33 -30.62 0.69
C LEU B 248 1.37 -31.70 -0.38
N LYS B 249 2.10 -31.43 -1.46
CA LYS B 249 2.21 -32.40 -2.53
C LYS B 249 2.74 -33.73 -2.01
N ASP B 250 3.82 -33.68 -1.25
CA ASP B 250 4.46 -34.85 -0.68
C ASP B 250 3.67 -35.60 0.39
N ARG B 251 2.76 -34.92 1.08
CA ARG B 251 1.96 -35.57 2.10
C ARG B 251 0.68 -36.05 1.44
N ASN B 252 0.67 -35.95 0.11
CA ASN B 252 -0.47 -36.36 -0.71
C ASN B 252 -1.75 -35.64 -0.36
N CYS B 253 -1.68 -34.32 -0.26
CA CYS B 253 -2.84 -33.50 0.05
C CYS B 253 -3.37 -32.82 -1.19
N ASP B 254 -4.39 -33.39 -1.82
CA ASP B 254 -4.99 -32.77 -2.99
C ASP B 254 -6.06 -31.81 -2.48
N GLU B 255 -6.88 -31.25 -3.37
CA GLU B 255 -7.90 -30.31 -2.94
C GLU B 255 -9.05 -30.97 -2.18
N ASN B 256 -8.89 -32.25 -1.84
CA ASN B 256 -9.92 -32.97 -1.10
C ASN B 256 -9.60 -32.92 0.39
N SER B 257 -8.39 -32.49 0.71
CA SER B 257 -7.96 -32.34 2.10
C SER B 257 -8.53 -31.01 2.58
N GLU B 258 -8.95 -30.95 3.83
CA GLU B 258 -9.49 -29.71 4.36
C GLU B 258 -8.33 -28.77 4.57
N VAL B 259 -7.20 -29.33 4.99
CA VAL B 259 -6.01 -28.55 5.23
C VAL B 259 -5.49 -27.89 3.96
N TRP B 260 -5.83 -28.45 2.82
CA TRP B 260 -5.36 -27.92 1.55
C TRP B 260 -5.72 -26.46 1.34
N GLN B 261 -6.79 -26.03 1.96
CA GLN B 261 -7.26 -24.65 1.83
C GLN B 261 -6.85 -23.77 3.01
N ARG B 262 -6.16 -24.35 3.97
CA ARG B 262 -5.71 -23.60 5.12
C ARG B 262 -4.19 -23.37 5.12
N VAL B 263 -3.57 -23.57 3.95
CA VAL B 263 -2.13 -23.36 3.82
C VAL B 263 -1.88 -22.21 2.85
N HIS B 264 -1.23 -21.16 3.34
CA HIS B 264 -0.96 -19.97 2.56
C HIS B 264 0.50 -19.57 2.55
N VAL B 265 0.89 -18.81 1.54
CA VAL B 265 2.27 -18.38 1.41
C VAL B 265 2.36 -16.86 1.23
N VAL B 266 3.41 -16.27 1.77
CA VAL B 266 3.67 -14.84 1.67
C VAL B 266 5.05 -14.76 1.03
N TYR B 267 5.21 -13.84 0.10
CA TYR B 267 6.49 -13.72 -0.61
C TYR B 267 6.73 -12.26 -0.91
N SER B 268 7.93 -11.94 -1.38
CA SER B 268 8.26 -10.57 -1.69
C SER B 268 9.60 -10.54 -2.42
N LEU B 269 9.84 -9.47 -3.16
CA LEU B 269 11.06 -9.33 -3.93
C LEU B 269 12.11 -8.51 -3.18
N SER B 270 11.81 -8.11 -1.95
CA SER B 270 12.70 -7.27 -1.15
C SER B 270 13.97 -7.89 -0.65
N LYS B 271 13.94 -9.18 -0.32
CA LYS B 271 15.13 -9.81 0.21
C LYS B 271 16.00 -10.57 -0.77
N ASP B 272 15.40 -11.26 -1.74
CA ASP B 272 16.22 -11.99 -2.69
C ASP B 272 16.78 -11.11 -3.83
N LEU B 273 15.91 -10.34 -4.48
CA LEU B 273 16.33 -9.49 -5.58
C LEU B 273 16.83 -8.14 -5.08
N GLY B 274 16.65 -7.91 -3.78
CA GLY B 274 17.10 -6.66 -3.18
C GLY B 274 16.36 -5.42 -3.62
N LEU B 275 15.06 -5.52 -3.82
CA LEU B 275 14.25 -4.40 -4.28
C LEU B 275 13.17 -3.94 -3.27
N PRO B 276 13.56 -3.68 -2.01
CA PRO B 276 12.58 -3.27 -1.01
C PRO B 276 11.86 -1.95 -1.33
N GLY B 277 12.57 -1.03 -1.99
CA GLY B 277 11.96 0.24 -2.33
C GLY B 277 10.84 0.16 -3.35
N PHE B 278 10.83 -0.91 -4.16
CA PHE B 278 9.81 -1.05 -5.18
C PHE B 278 8.46 -1.55 -4.65
N ARG B 279 8.47 -2.05 -3.42
CA ARG B 279 7.26 -2.55 -2.74
C ARG B 279 6.50 -3.67 -3.44
N VAL B 280 7.16 -4.80 -3.70
CA VAL B 280 6.48 -5.92 -4.33
C VAL B 280 6.35 -7.12 -3.40
N GLY B 281 5.15 -7.28 -2.87
CA GLY B 281 4.87 -8.39 -2.00
C GLY B 281 3.78 -9.21 -2.68
N ALA B 282 3.48 -10.37 -2.14
CA ALA B 282 2.47 -11.22 -2.72
C ALA B 282 1.88 -12.15 -1.70
N ILE B 283 0.63 -12.51 -1.92
CA ILE B 283 -0.06 -13.43 -1.06
C ILE B 283 -0.50 -14.56 -1.97
N TYR B 284 -0.34 -15.80 -1.50
CA TYR B 284 -0.77 -16.96 -2.27
C TYR B 284 -1.60 -17.86 -1.40
N SER B 285 -2.81 -18.17 -1.87
CA SER B 285 -3.68 -19.02 -1.12
C SER B 285 -4.51 -19.90 -2.05
N ASN B 286 -4.85 -21.09 -1.56
CA ASN B 286 -5.65 -22.04 -2.32
C ASN B 286 -7.12 -21.79 -2.05
N ASP B 287 -7.41 -20.98 -1.04
CA ASP B 287 -8.79 -20.67 -0.70
C ASP B 287 -9.30 -19.45 -1.46
N ASP B 288 -10.30 -19.68 -2.32
CA ASP B 288 -10.90 -18.62 -3.14
C ASP B 288 -11.41 -17.46 -2.32
N MET B 289 -11.94 -17.74 -1.14
CA MET B 289 -12.48 -16.69 -0.28
C MET B 289 -11.40 -15.74 0.22
N VAL B 290 -10.22 -16.29 0.53
CA VAL B 290 -9.12 -15.48 1.01
C VAL B 290 -8.55 -14.65 -0.14
N VAL B 291 -8.43 -15.26 -1.32
CA VAL B 291 -7.92 -14.56 -2.50
C VAL B 291 -8.79 -13.33 -2.82
N ALA B 292 -10.12 -13.55 -2.84
CA ALA B 292 -11.07 -12.49 -3.13
C ALA B 292 -11.02 -11.38 -2.08
N ALA B 293 -11.05 -11.74 -0.81
CA ALA B 293 -10.98 -10.75 0.27
C ALA B 293 -9.66 -9.99 0.25
N ALA B 294 -8.58 -10.74 0.07
CA ALA B 294 -7.26 -10.14 0.04
C ALA B 294 -7.10 -9.26 -1.18
N THR B 295 -7.76 -9.64 -2.26
CA THR B 295 -7.68 -8.85 -3.49
C THR B 295 -8.34 -7.48 -3.31
N LYS B 296 -9.46 -7.47 -2.60
CA LYS B 296 -10.15 -6.22 -2.33
C LYS B 296 -9.36 -5.38 -1.34
N MET B 297 -8.70 -6.03 -0.38
CA MET B 297 -7.90 -5.33 0.62
C MET B 297 -6.62 -4.75 0.01
N SER B 298 -6.09 -5.39 -1.02
CA SER B 298 -4.89 -4.90 -1.68
C SER B 298 -5.08 -3.49 -2.27
N SER B 299 -6.32 -3.07 -2.44
CA SER B 299 -6.59 -1.74 -2.97
C SER B 299 -5.98 -0.65 -2.09
N PHE B 300 -5.78 -0.96 -0.81
CA PHE B 300 -5.19 0.00 0.11
C PHE B 300 -3.66 -0.01 -0.01
N GLY B 301 -3.13 -0.91 -0.84
CA GLY B 301 -1.70 -1.01 -1.01
C GLY B 301 -1.36 -1.73 -2.30
N LEU B 302 -1.72 -1.11 -3.41
CA LEU B 302 -1.46 -1.68 -4.73
C LEU B 302 -0.02 -1.41 -5.16
N VAL B 303 0.50 -2.26 -6.02
CA VAL B 303 1.86 -2.11 -6.53
C VAL B 303 1.84 -1.16 -7.73
N SER B 304 2.77 -0.23 -7.80
CA SER B 304 2.80 0.71 -8.90
C SER B 304 2.82 -0.02 -10.23
N SER B 305 1.94 0.40 -11.14
CA SER B 305 1.88 -0.25 -12.45
C SER B 305 3.16 -0.03 -13.24
N GLN B 306 3.88 1.04 -12.95
CA GLN B 306 5.15 1.31 -13.63
C GLN B 306 6.15 0.20 -13.20
N THR B 307 6.15 -0.11 -11.91
CA THR B 307 7.02 -1.14 -11.34
C THR B 307 6.64 -2.54 -11.83
N GLN B 308 5.34 -2.85 -11.82
CA GLN B 308 4.83 -4.15 -12.28
C GLN B 308 5.29 -4.44 -13.71
N HIS B 309 5.34 -3.39 -14.52
CA HIS B 309 5.75 -3.54 -15.89
C HIS B 309 7.27 -3.81 -15.99
N LEU B 310 8.06 -3.04 -15.26
CA LEU B 310 9.52 -3.21 -15.27
C LEU B 310 9.89 -4.63 -14.87
N LEU B 311 9.31 -5.10 -13.77
CA LEU B 311 9.62 -6.42 -13.25
C LEU B 311 9.08 -7.58 -14.06
N SER B 312 7.98 -7.39 -14.77
CA SER B 312 7.45 -8.48 -15.56
C SER B 312 8.42 -8.70 -16.72
N ALA B 313 9.04 -7.62 -17.19
CA ALA B 313 10.00 -7.71 -18.28
C ALA B 313 11.22 -8.45 -17.74
N MET B 314 11.71 -7.98 -16.60
CA MET B 314 12.88 -8.56 -15.96
C MET B 314 12.70 -10.04 -15.66
N LEU B 315 11.64 -10.37 -14.92
CA LEU B 315 11.38 -11.74 -14.51
C LEU B 315 10.95 -12.69 -15.63
N SER B 316 10.66 -12.13 -16.80
CA SER B 316 10.25 -12.93 -17.96
C SER B 316 11.48 -13.47 -18.67
N ASP B 317 12.62 -12.86 -18.35
CA ASP B 317 13.90 -13.25 -18.95
C ASP B 317 14.48 -14.43 -18.16
N LYS B 318 14.16 -15.64 -18.59
CA LYS B 318 14.60 -16.86 -17.93
C LYS B 318 16.12 -17.02 -17.89
N LYS B 319 16.79 -16.34 -18.79
CA LYS B 319 18.23 -16.37 -18.82
C LYS B 319 18.70 -15.61 -17.58
N LEU B 320 18.06 -14.47 -17.33
CA LEU B 320 18.41 -13.63 -16.17
C LEU B 320 18.00 -14.25 -14.86
N THR B 321 16.78 -14.75 -14.77
CA THR B 321 16.35 -15.34 -13.51
C THR B 321 17.25 -16.52 -13.12
N LYS B 322 17.47 -17.41 -14.09
CA LYS B 322 18.28 -18.58 -13.84
C LYS B 322 19.64 -18.15 -13.36
N ASN B 323 20.24 -17.20 -14.07
CA ASN B 323 21.56 -16.73 -13.70
C ASN B 323 21.62 -15.91 -12.41
N TYR B 324 20.56 -15.16 -12.12
CA TYR B 324 20.55 -14.33 -10.92
C TYR B 324 20.55 -15.22 -9.68
N ILE B 325 19.70 -16.24 -9.69
CA ILE B 325 19.58 -17.14 -8.57
C ILE B 325 20.90 -17.81 -8.29
N ALA B 326 21.51 -18.39 -9.31
CA ALA B 326 22.79 -19.07 -9.17
C ALA B 326 23.89 -18.14 -8.65
N GLU B 327 23.97 -16.94 -9.25
CA GLU B 327 24.97 -15.97 -8.85
C GLU B 327 24.71 -15.45 -7.43
N ASN B 328 23.44 -15.30 -7.08
CA ASN B 328 23.05 -14.83 -5.77
C ASN B 328 23.40 -15.85 -4.69
N HIS B 329 23.19 -17.14 -4.97
CA HIS B 329 23.52 -18.18 -3.99
C HIS B 329 25.04 -18.24 -3.79
N LYS B 330 25.77 -18.05 -4.90
CA LYS B 330 27.23 -18.07 -4.90
C LYS B 330 27.76 -16.96 -4.00
N ARG B 331 27.43 -15.73 -4.37
CA ARG B 331 27.87 -14.59 -3.60
C ARG B 331 27.44 -14.65 -2.13
N LEU B 332 26.25 -15.14 -1.85
CA LEU B 332 25.78 -15.23 -0.46
C LEU B 332 26.54 -16.28 0.36
N LYS B 333 26.82 -17.45 -0.22
CA LYS B 333 27.55 -18.50 0.50
C LYS B 333 28.98 -18.05 0.80
N GLN B 334 29.61 -17.42 -0.18
CA GLN B 334 30.96 -16.89 -0.03
C GLN B 334 30.98 -15.96 1.14
N ARG B 335 29.99 -15.06 1.16
CA ARG B 335 29.87 -14.04 2.20
C ARG B 335 29.60 -14.59 3.59
N GLN B 336 28.72 -15.57 3.67
CA GLN B 336 28.40 -16.16 4.95
C GLN B 336 29.63 -16.88 5.51
N LYS B 337 30.35 -17.61 4.66
CA LYS B 337 31.57 -18.33 5.06
C LYS B 337 32.57 -17.36 5.67
N LYS B 338 32.67 -16.20 5.05
CA LYS B 338 33.57 -15.14 5.51
C LYS B 338 33.22 -14.73 6.95
N LEU B 339 31.97 -14.34 7.16
CA LEU B 339 31.54 -13.94 8.48
C LEU B 339 31.73 -15.06 9.50
N VAL B 340 31.27 -16.25 9.14
CA VAL B 340 31.36 -17.41 10.04
C VAL B 340 32.77 -17.75 10.46
N SER B 341 33.71 -17.64 9.54
CA SER B 341 35.10 -17.95 9.86
C SER B 341 35.74 -16.82 10.67
N GLY B 342 35.48 -15.59 10.27
CA GLY B 342 36.03 -14.47 11.02
C GLY B 342 35.52 -14.48 12.44
N LEU B 343 34.31 -15.01 12.61
CA LEU B 343 33.69 -15.08 13.93
C LEU B 343 34.38 -16.15 14.79
N GLN B 344 34.77 -17.27 14.19
CA GLN B 344 35.41 -18.31 14.98
C GLN B 344 36.87 -17.99 15.30
N LYS B 345 37.46 -17.09 14.52
CA LYS B 345 38.83 -16.69 14.80
C LYS B 345 38.79 -15.86 16.08
N SER B 346 37.58 -15.59 16.56
CA SER B 346 37.37 -14.81 17.77
C SER B 346 36.80 -15.74 18.82
N GLY B 347 36.69 -17.01 18.44
CA GLY B 347 36.17 -18.01 19.37
C GLY B 347 34.65 -18.11 19.38
N ILE B 348 34.00 -17.30 18.56
CA ILE B 348 32.56 -17.28 18.48
C ILE B 348 32.03 -18.18 17.36
N SER B 349 30.97 -18.92 17.64
CA SER B 349 30.37 -19.76 16.61
C SER B 349 28.94 -19.36 16.36
N CYS B 350 28.39 -19.90 15.28
CA CYS B 350 27.03 -19.59 14.89
C CYS B 350 26.19 -20.83 14.74
N LEU B 351 24.88 -20.62 14.73
CA LEU B 351 23.94 -21.69 14.49
C LEU B 351 24.26 -22.01 13.03
N ASN B 352 24.48 -23.28 12.72
CA ASN B 352 24.81 -23.69 11.36
C ASN B 352 23.64 -23.34 10.42
N GLY B 353 23.82 -22.35 9.55
CA GLY B 353 22.76 -21.96 8.64
C GLY B 353 23.05 -22.08 7.15
N ASN B 354 21.99 -22.13 6.35
CA ASN B 354 22.14 -22.29 4.90
C ASN B 354 21.31 -21.30 4.06
N ALA B 355 20.67 -20.36 4.75
CA ALA B 355 19.81 -19.39 4.08
C ALA B 355 19.85 -18.02 4.77
N GLY B 356 19.28 -17.01 4.11
CA GLY B 356 19.21 -15.69 4.70
C GLY B 356 20.33 -14.75 4.33
N LEU B 357 20.38 -13.63 5.04
CA LEU B 357 21.39 -12.60 4.80
C LEU B 357 22.08 -12.29 6.14
N PHE B 358 21.99 -13.23 7.07
CA PHE B 358 22.51 -13.03 8.40
C PHE B 358 22.83 -14.38 9.06
N CYS B 359 23.57 -14.29 10.16
CA CYS B 359 23.93 -15.47 10.93
C CYS B 359 23.41 -15.29 12.34
N TRP B 360 22.95 -16.39 12.93
CA TRP B 360 22.46 -16.36 14.30
C TRP B 360 23.73 -16.76 15.10
N VAL B 361 24.40 -15.80 15.72
CA VAL B 361 25.62 -16.12 16.42
C VAL B 361 25.52 -16.31 17.92
N ASP B 362 26.22 -17.33 18.40
CA ASP B 362 26.24 -17.73 19.79
C ASP B 362 27.33 -17.03 20.59
N MET B 363 26.93 -16.16 21.51
CA MET B 363 27.88 -15.42 22.34
C MET B 363 27.53 -15.59 23.81
N ARG B 364 26.91 -16.72 24.13
CA ARG B 364 26.50 -16.97 25.49
C ARG B 364 27.67 -16.99 26.45
N HIS B 365 28.78 -17.58 26.01
CA HIS B 365 29.98 -17.65 26.85
C HIS B 365 30.56 -16.28 27.21
N LEU B 366 30.11 -15.23 26.52
CA LEU B 366 30.60 -13.88 26.81
C LEU B 366 29.73 -13.20 27.85
N LEU B 367 28.57 -13.79 28.13
CA LEU B 367 27.65 -13.21 29.10
C LEU B 367 28.22 -13.32 30.48
N ARG B 368 28.31 -12.19 31.15
CA ARG B 368 28.82 -12.17 32.49
C ARG B 368 27.86 -12.98 33.36
N SER B 369 26.67 -13.24 32.82
CA SER B 369 25.64 -13.98 33.54
C SER B 369 24.61 -14.46 32.55
N ASN B 370 23.89 -15.53 32.88
CA ASN B 370 22.88 -16.05 31.96
C ASN B 370 21.55 -15.35 32.15
N THR B 371 21.56 -14.04 31.96
CA THR B 371 20.37 -13.23 32.12
C THR B 371 20.27 -12.31 30.93
N PHE B 372 19.09 -11.74 30.74
CA PHE B 372 18.91 -10.82 29.64
C PHE B 372 19.55 -9.52 29.99
N GLU B 373 19.74 -9.28 31.29
CA GLU B 373 20.41 -8.07 31.72
C GLU B 373 21.87 -8.21 31.31
N ALA B 374 22.38 -9.44 31.37
CA ALA B 374 23.76 -9.72 30.99
C ALA B 374 23.93 -9.59 29.50
N GLU B 375 22.89 -9.97 28.75
CA GLU B 375 22.89 -9.86 27.29
C GLU B 375 22.87 -8.38 26.85
N MET B 376 22.10 -7.56 27.56
CA MET B 376 22.01 -6.12 27.26
C MET B 376 23.35 -5.49 27.58
N GLU B 377 24.02 -6.06 28.58
CA GLU B 377 25.33 -5.60 29.01
C GLU B 377 26.31 -5.81 27.88
N LEU B 378 26.38 -7.06 27.41
CA LEU B 378 27.26 -7.43 26.31
C LEU B 378 26.97 -6.57 25.09
N TRP B 379 25.69 -6.47 24.74
CA TRP B 379 25.27 -5.71 23.57
C TRP B 379 25.74 -4.27 23.57
N LYS B 380 25.71 -3.64 24.75
CA LYS B 380 26.13 -2.26 24.89
C LYS B 380 27.63 -2.16 24.72
N LYS B 381 28.35 -3.12 25.25
CA LYS B 381 29.81 -3.12 25.11
C LYS B 381 30.15 -3.22 23.63
N ILE B 382 29.36 -4.00 22.90
CA ILE B 382 29.60 -4.17 21.49
C ILE B 382 29.29 -2.90 20.71
N VAL B 383 28.26 -2.19 21.15
CA VAL B 383 27.85 -0.95 20.49
C VAL B 383 28.82 0.19 20.79
N TYR B 384 29.07 0.41 22.07
CA TYR B 384 29.92 1.49 22.48
C TYR B 384 31.42 1.26 22.42
N GLU B 385 31.87 0.04 22.66
CA GLU B 385 33.29 -0.24 22.63
C GLU B 385 33.82 -0.86 21.35
N VAL B 386 33.10 -1.82 20.79
CA VAL B 386 33.56 -2.42 19.55
C VAL B 386 33.05 -1.62 18.35
N HIS B 387 32.01 -0.83 18.57
CA HIS B 387 31.42 -0.01 17.53
C HIS B 387 30.80 -0.81 16.40
N LEU B 388 29.95 -1.77 16.76
CA LEU B 388 29.27 -2.56 15.75
C LEU B 388 27.79 -2.54 16.09
N ASN B 389 26.93 -2.46 15.07
CA ASN B 389 25.50 -2.53 15.35
C ASN B 389 25.05 -3.92 14.96
N ILE B 390 24.62 -4.66 15.98
CA ILE B 390 24.19 -6.04 15.85
C ILE B 390 22.87 -6.14 16.61
N SER B 391 22.07 -7.17 16.35
CA SER B 391 20.79 -7.30 17.06
C SER B 391 20.79 -8.30 18.21
N PRO B 392 20.37 -7.84 19.40
CA PRO B 392 20.32 -8.74 20.56
C PRO B 392 19.18 -9.74 20.38
N GLY B 393 19.45 -11.00 20.71
CA GLY B 393 18.44 -12.05 20.58
C GLY B 393 17.11 -11.77 21.24
N SER B 394 17.11 -11.05 22.35
CA SER B 394 15.85 -10.75 23.04
C SER B 394 14.94 -9.84 22.19
N SER B 395 15.53 -9.14 21.22
CA SER B 395 14.76 -8.27 20.31
C SER B 395 13.81 -9.15 19.51
N CYS B 396 14.29 -10.34 19.19
CA CYS B 396 13.54 -11.30 18.40
C CYS B 396 12.78 -12.28 19.29
N HIS B 397 12.71 -11.94 20.57
CA HIS B 397 12.01 -12.78 21.53
C HIS B 397 12.66 -14.15 21.74
N CYS B 398 13.99 -14.21 21.65
CA CYS B 398 14.64 -15.49 21.90
C CYS B 398 14.48 -15.75 23.39
N THR B 399 14.23 -17.01 23.77
CA THR B 399 14.02 -17.39 25.17
C THR B 399 15.29 -17.58 25.99
N GLU B 400 16.44 -17.67 25.31
CA GLU B 400 17.70 -17.79 26.02
C GLU B 400 18.60 -16.63 25.65
N PRO B 401 19.17 -15.95 26.67
CA PRO B 401 20.07 -14.80 26.48
C PRO B 401 21.38 -15.20 25.83
N GLY B 402 22.00 -14.27 25.12
CA GLY B 402 23.29 -14.58 24.53
C GLY B 402 23.36 -14.78 23.04
N TRP B 403 22.22 -14.80 22.35
CA TRP B 403 22.25 -14.98 20.91
C TRP B 403 22.13 -13.63 20.19
N PHE B 404 22.76 -13.50 19.03
CA PHE B 404 22.72 -12.24 18.30
C PHE B 404 22.58 -12.51 16.81
N ARG B 405 22.03 -11.54 16.07
CA ARG B 405 21.91 -11.70 14.63
C ARG B 405 22.82 -10.69 13.98
N VAL B 406 23.66 -11.12 13.06
CA VAL B 406 24.53 -10.18 12.38
C VAL B 406 24.39 -10.41 10.89
N CYS B 407 24.24 -9.33 10.14
CA CYS B 407 24.03 -9.43 8.70
C CYS B 407 25.34 -9.35 7.97
N PHE B 408 25.39 -9.92 6.77
CA PHE B 408 26.62 -9.92 5.99
C PHE B 408 26.42 -9.57 4.49
N ALA B 409 25.17 -9.44 4.06
CA ALA B 409 24.89 -9.18 2.64
C ALA B 409 24.88 -7.72 2.18
N ASN B 410 25.08 -6.79 3.11
CA ASN B 410 25.08 -5.38 2.74
C ASN B 410 26.33 -4.66 3.23
N LEU B 411 27.45 -5.38 3.29
CA LEU B 411 28.70 -4.82 3.76
C LEU B 411 29.85 -5.23 2.84
N PRO B 412 30.68 -4.27 2.42
CA PRO B 412 31.82 -4.60 1.55
C PRO B 412 32.71 -5.55 2.31
N GLU B 413 33.36 -6.48 1.62
CA GLU B 413 34.23 -7.45 2.30
C GLU B 413 35.22 -6.78 3.21
N ARG B 414 35.76 -5.64 2.76
CA ARG B 414 36.75 -4.89 3.52
C ARG B 414 36.19 -4.42 4.86
N THR B 415 34.95 -3.99 4.86
CA THR B 415 34.32 -3.55 6.10
C THR B 415 34.04 -4.76 7.00
N LEU B 416 33.56 -5.85 6.40
CA LEU B 416 33.28 -7.07 7.16
C LEU B 416 34.56 -7.48 7.90
N ASP B 417 35.68 -7.45 7.17
CA ASP B 417 36.98 -7.78 7.73
C ASP B 417 37.28 -6.84 8.89
N LEU B 418 37.09 -5.54 8.70
CA LEU B 418 37.35 -4.57 9.76
C LEU B 418 36.54 -4.95 11.00
N ALA B 419 35.24 -5.20 10.83
CA ALA B 419 34.37 -5.55 11.94
C ALA B 419 34.90 -6.80 12.66
N MET B 420 35.33 -7.80 11.90
CA MET B 420 35.87 -9.04 12.47
C MET B 420 37.13 -8.77 13.27
N GLN B 421 37.96 -7.85 12.78
CA GLN B 421 39.20 -7.47 13.47
C GLN B 421 38.87 -6.81 14.80
N ARG B 422 37.95 -5.84 14.79
CA ARG B 422 37.55 -5.13 16.00
C ARG B 422 37.02 -6.14 17.01
N LEU B 423 36.27 -7.12 16.52
CA LEU B 423 35.70 -8.12 17.41
C LEU B 423 36.82 -8.91 18.09
N LYS B 424 37.79 -9.36 17.28
CA LYS B 424 38.91 -10.13 17.81
C LYS B 424 39.72 -9.39 18.88
N ALA B 425 39.99 -8.12 18.65
CA ALA B 425 40.73 -7.33 19.63
C ALA B 425 39.93 -7.24 20.92
N PHE B 426 38.62 -7.03 20.80
CA PHE B 426 37.74 -6.92 21.97
C PHE B 426 37.69 -8.23 22.77
N VAL B 427 37.46 -9.33 22.07
CA VAL B 427 37.39 -10.62 22.73
C VAL B 427 38.69 -10.88 23.49
N GLY B 428 39.80 -10.33 22.96
CA GLY B 428 41.09 -10.51 23.56
C GLY B 428 41.20 -10.13 25.03
N GLU B 429 40.09 -9.64 25.60
CA GLU B 429 40.03 -9.24 27.00
C GLU B 429 38.64 -9.49 27.63
#